data_5SA7
#
_entry.id   5SA7
#
_cell.length_a   150.201
_cell.length_b   150.201
_cell.length_c   111.033
_cell.angle_alpha   90.000
_cell.angle_beta   90.000
_cell.angle_gamma   120.000
#
_symmetry.space_group_name_H-M   'P 63'
#
loop_
_entity.id
_entity.type
_entity.pdbx_description
1 polymer 'Uridylate-specific endoribonuclease'
2 non-polymer 4-amino-N-(2-hydroxyethyl)-N-methylbenzene-1-sulfonamide
3 water water
#
_entity_poly.entity_id   1
_entity_poly.type   'polypeptide(L)'
_entity_poly.pdbx_seq_one_letter_code
;GAMSLENVAFNVVNKGHFDGQQGEVPVSIINNTVYTKVDGVDVELFENKTTLPVNVAFELWAKRNIKPVPEVKILNNLGV
DIAANTVIWDYKRDAPAHISTIGVCSMTDIAKKPTETICAPLTVFFDGRVDGQVDLFRNARNGVLITEGSVKGLQPSVGP
KQASLNGVTLIGEAVKTQFNYYKKVDGVVQQLPETYFTQSRNLQEFKPRSQMEIDFLELAMDEFIERYKLEGYAFEHIVY
GDFSHSQLGGLHLLIGLAKRFKESPFELEDFIPMDSTVKNYFITDAQTGSSKCVCSVIDLLLDDFVEIIKSQDLSVVSKV
VKVTIDYTEISFMLWCKDGHVETFYPKLQ
;
_entity_poly.pdbx_strand_id   A,B
#
loop_
_chem_comp.id
_chem_comp.type
_chem_comp.name
_chem_comp.formula
WL7 non-polymer 4-amino-N-(2-hydroxyethyl)-N-methylbenzene-1-sulfonamide 'C9 H14 N2 O3 S'
#
# COMPACT_ATOMS: atom_id res chain seq x y z
N ALA A 2 -8.27 -18.77 -29.81
CA ALA A 2 -7.89 -19.53 -31.01
C ALA A 2 -6.38 -19.48 -31.19
N MET A 3 -5.67 -20.07 -30.24
CA MET A 3 -4.22 -20.10 -30.25
C MET A 3 -3.62 -21.06 -31.31
N SER A 4 -2.54 -20.64 -31.96
CA SER A 4 -1.84 -21.45 -32.94
C SER A 4 -0.39 -21.04 -33.04
N LEU A 5 0.46 -21.94 -33.57
CA LEU A 5 1.87 -21.67 -33.77
C LEU A 5 2.01 -20.49 -34.78
N GLU A 6 1.24 -20.54 -35.87
CA GLU A 6 1.22 -19.57 -36.93
C GLU A 6 0.73 -18.20 -36.47
N ASN A 7 -0.22 -18.18 -35.53
CA ASN A 7 -0.72 -16.97 -34.94
C ASN A 7 0.30 -16.37 -33.99
N VAL A 8 0.98 -17.21 -33.15
CA VAL A 8 2.01 -16.72 -32.25
C VAL A 8 3.15 -16.09 -33.10
N ALA A 9 3.54 -16.77 -34.20
CA ALA A 9 4.54 -16.31 -35.15
C ALA A 9 4.13 -15.01 -35.83
N PHE A 10 2.85 -14.87 -36.23
CA PHE A 10 2.31 -13.65 -36.80
C PHE A 10 2.51 -12.46 -35.83
N ASN A 11 2.13 -12.65 -34.56
CA ASN A 11 2.28 -11.63 -33.54
C ASN A 11 3.75 -11.28 -33.34
N VAL A 12 4.67 -12.26 -33.27
CA VAL A 12 6.08 -11.99 -33.06
C VAL A 12 6.64 -11.10 -34.19
N VAL A 13 6.35 -11.48 -35.45
CA VAL A 13 6.77 -10.78 -36.65
C VAL A 13 6.19 -9.36 -36.72
N ASN A 14 4.91 -9.19 -36.41
CA ASN A 14 4.23 -7.90 -36.55
C ASN A 14 4.20 -7.01 -35.33
N LYS A 15 4.31 -7.58 -34.13
CA LYS A 15 4.20 -6.86 -32.86
C LYS A 15 5.42 -6.95 -31.96
N GLY A 16 6.41 -7.74 -32.33
CA GLY A 16 7.60 -7.91 -31.51
C GLY A 16 7.44 -8.90 -30.36
N HIS A 17 6.22 -9.37 -30.13
CA HIS A 17 5.83 -10.29 -29.06
C HIS A 17 4.34 -10.67 -29.27
N PHE A 18 3.80 -11.57 -28.43
CA PHE A 18 2.40 -11.92 -28.52
C PHE A 18 1.54 -10.76 -28.00
N ASP A 19 0.63 -10.28 -28.86
CA ASP A 19 -0.20 -9.13 -28.57
C ASP A 19 -1.71 -9.38 -28.85
N GLY A 20 -2.13 -10.64 -28.91
CA GLY A 20 -3.51 -11.02 -29.16
C GLY A 20 -4.06 -10.66 -30.53
N GLN A 21 -3.19 -10.34 -31.50
CA GLN A 21 -3.62 -10.00 -32.85
C GLN A 21 -4.00 -11.21 -33.65
N GLN A 22 -4.85 -11.03 -34.64
CA GLN A 22 -5.27 -12.13 -35.51
C GLN A 22 -4.40 -12.15 -36.73
N GLY A 23 -4.18 -13.33 -37.26
CA GLY A 23 -3.34 -13.51 -38.43
C GLY A 23 -2.44 -14.71 -38.30
N GLU A 24 -1.90 -15.14 -39.43
CA GLU A 24 -1.01 -16.29 -39.49
C GLU A 24 0.12 -16.00 -40.45
N VAL A 25 1.32 -16.53 -40.17
CA VAL A 25 2.48 -16.47 -41.06
C VAL A 25 2.98 -17.91 -41.26
N PRO A 26 3.60 -18.25 -42.41
CA PRO A 26 4.12 -19.63 -42.58
C PRO A 26 5.26 -19.86 -41.61
N VAL A 27 5.26 -21.03 -40.97
CA VAL A 27 6.28 -21.40 -40.01
C VAL A 27 6.88 -22.74 -40.35
N SER A 28 8.16 -22.90 -40.11
CA SER A 28 8.79 -24.20 -40.16
C SER A 28 9.60 -24.42 -38.89
N ILE A 29 9.51 -25.64 -38.38
CA ILE A 29 10.23 -26.03 -37.20
C ILE A 29 11.28 -27.03 -37.60
N ILE A 30 12.54 -26.77 -37.25
CA ILE A 30 13.62 -27.68 -37.57
C ILE A 30 14.63 -27.56 -36.44
N ASN A 31 15.33 -28.64 -36.02
N ASN A 31 14.56 -28.74 -35.79
CA ASN A 31 16.43 -28.58 -34.99
CA ASN A 31 15.10 -29.29 -34.59
C ASN A 31 16.35 -27.45 -33.87
C ASN A 31 14.55 -28.48 -33.44
N ASN A 32 15.29 -27.50 -33.00
CA ASN A 32 14.94 -26.60 -31.89
C ASN A 32 14.81 -25.15 -32.30
N THR A 33 14.54 -24.88 -33.57
CA THR A 33 14.45 -23.53 -34.07
C THR A 33 13.13 -23.34 -34.81
N VAL A 34 12.54 -22.16 -34.62
CA VAL A 34 11.34 -21.73 -35.29
C VAL A 34 11.73 -20.71 -36.37
N TYR A 35 11.35 -20.98 -37.62
CA TYR A 35 11.60 -20.11 -38.74
C TYR A 35 10.28 -19.63 -39.32
N THR A 36 10.33 -18.51 -40.05
CA THR A 36 9.20 -18.01 -40.81
C THR A 36 9.67 -17.65 -42.21
N LYS A 37 8.84 -17.85 -43.23
CA LYS A 37 9.18 -17.54 -44.61
C LYS A 37 9.01 -16.03 -44.87
N VAL A 38 10.06 -15.35 -45.34
CA VAL A 38 10.04 -13.93 -45.67
C VAL A 38 10.66 -13.79 -47.06
N ASP A 39 9.83 -13.49 -48.08
CA ASP A 39 10.28 -13.36 -49.48
C ASP A 39 10.95 -14.65 -49.95
N GLY A 40 10.35 -15.78 -49.59
CA GLY A 40 10.89 -17.07 -50.01
C GLY A 40 12.08 -17.62 -49.24
N VAL A 41 12.58 -16.89 -48.20
CA VAL A 41 13.68 -17.46 -47.39
C VAL A 41 13.28 -17.58 -45.95
N ASP A 42 13.77 -18.61 -45.30
CA ASP A 42 13.51 -18.87 -43.90
C ASP A 42 14.30 -17.93 -43.02
N VAL A 43 13.62 -17.25 -42.11
CA VAL A 43 14.24 -16.34 -41.18
C VAL A 43 13.97 -16.87 -39.79
N GLU A 44 15.01 -17.06 -39.01
CA GLU A 44 14.91 -17.54 -37.65
C GLU A 44 14.19 -16.54 -36.73
N LEU A 45 13.17 -17.02 -36.03
CA LEU A 45 12.40 -16.26 -35.07
C LEU A 45 12.77 -16.62 -33.63
N PHE A 46 13.15 -17.90 -33.38
CA PHE A 46 13.40 -18.34 -32.02
C PHE A 46 14.21 -19.61 -31.97
N GLU A 47 15.20 -19.65 -31.06
CA GLU A 47 15.96 -20.86 -30.83
C GLU A 47 15.68 -21.33 -29.43
N ASN A 48 15.14 -22.53 -29.32
CA ASN A 48 14.79 -23.10 -28.04
C ASN A 48 16.02 -23.51 -27.24
N LYS A 49 16.22 -22.83 -26.09
CA LYS A 49 17.29 -23.15 -25.12
C LYS A 49 16.73 -23.82 -23.85
N THR A 50 15.41 -24.07 -23.81
CA THR A 50 14.65 -24.64 -22.71
C THR A 50 14.57 -26.17 -22.83
N THR A 51 14.07 -26.81 -21.78
CA THR A 51 13.81 -28.24 -21.77
C THR A 51 12.34 -28.57 -22.19
N LEU A 52 11.60 -27.57 -22.68
CA LEU A 52 10.22 -27.71 -23.16
C LEU A 52 10.27 -27.95 -24.68
N PRO A 53 9.20 -28.51 -25.29
CA PRO A 53 9.17 -28.62 -26.75
C PRO A 53 9.34 -27.24 -27.41
N VAL A 54 9.97 -27.19 -28.59
CA VAL A 54 10.30 -25.97 -29.33
C VAL A 54 9.11 -25.04 -29.51
N ASN A 55 7.93 -25.57 -29.90
CA ASN A 55 6.74 -24.75 -30.16
C ASN A 55 6.07 -24.23 -28.89
N VAL A 56 6.16 -25.00 -27.82
CA VAL A 56 5.66 -24.63 -26.54
C VAL A 56 6.55 -23.50 -25.96
N ALA A 57 7.87 -23.68 -26.01
CA ALA A 57 8.81 -22.67 -25.52
C ALA A 57 8.67 -21.35 -26.27
N PHE A 58 8.46 -21.43 -27.60
CA PHE A 58 8.27 -20.28 -28.49
C PHE A 58 7.06 -19.48 -28.03
N GLU A 59 5.94 -20.17 -27.76
CA GLU A 59 4.74 -19.53 -27.30
C GLU A 59 4.91 -18.85 -25.94
N LEU A 60 5.56 -19.50 -24.98
CA LEU A 60 5.77 -18.90 -23.66
C LEU A 60 6.71 -17.69 -23.77
N TRP A 61 7.72 -17.76 -24.62
CA TRP A 61 8.62 -16.64 -24.83
C TRP A 61 7.84 -15.47 -25.48
N ALA A 62 7.02 -15.76 -26.50
CA ALA A 62 6.18 -14.75 -27.13
C ALA A 62 5.22 -14.13 -26.11
N LYS A 63 4.71 -14.93 -25.16
CA LYS A 63 3.78 -14.46 -24.14
C LYS A 63 4.45 -13.96 -22.85
N ARG A 64 5.77 -13.70 -22.89
CA ARG A 64 6.50 -13.17 -21.75
C ARG A 64 5.99 -11.82 -21.30
N ASN A 65 6.18 -11.52 -20.04
CA ASN A 65 5.78 -10.25 -19.46
C ASN A 65 6.78 -9.18 -19.96
N ILE A 66 6.28 -8.17 -20.66
CA ILE A 66 7.11 -7.08 -21.17
C ILE A 66 7.02 -5.80 -20.33
N LYS A 67 6.52 -5.91 -19.09
CA LYS A 67 6.47 -4.78 -18.16
C LYS A 67 7.61 -5.01 -17.17
N PRO A 68 8.08 -4.00 -16.39
CA PRO A 68 9.14 -4.27 -15.40
C PRO A 68 8.61 -5.29 -14.40
N VAL A 69 9.33 -6.38 -14.20
CA VAL A 69 8.91 -7.43 -13.29
C VAL A 69 10.00 -7.72 -12.29
N PRO A 70 9.65 -8.32 -11.13
CA PRO A 70 10.71 -8.70 -10.16
C PRO A 70 11.79 -9.59 -10.80
N GLU A 71 13.04 -9.47 -10.32
CA GLU A 71 14.10 -10.33 -10.83
C GLU A 71 13.83 -11.75 -10.33
N VAL A 72 14.12 -12.76 -11.14
CA VAL A 72 13.85 -14.15 -10.80
C VAL A 72 14.43 -14.55 -9.43
N LYS A 73 15.62 -14.05 -9.05
CA LYS A 73 16.19 -14.30 -7.73
C LYS A 73 15.23 -13.92 -6.58
N ILE A 74 14.52 -12.76 -6.70
CA ILE A 74 13.55 -12.33 -5.68
C ILE A 74 12.37 -13.32 -5.62
N LEU A 75 11.81 -13.66 -6.79
CA LEU A 75 10.67 -14.57 -6.89
C LEU A 75 11.01 -15.94 -6.33
N ASN A 76 12.23 -16.43 -6.59
CA ASN A 76 12.72 -17.69 -6.09
C ASN A 76 12.89 -17.61 -4.59
N ASN A 77 13.47 -16.51 -4.09
CA ASN A 77 13.69 -16.35 -2.65
C ASN A 77 12.38 -16.27 -1.90
N LEU A 78 11.32 -15.80 -2.55
CA LEU A 78 9.99 -15.75 -1.96
C LEU A 78 9.18 -17.03 -2.14
N GLY A 79 9.75 -18.06 -2.75
CA GLY A 79 9.11 -19.35 -2.92
C GLY A 79 8.09 -19.44 -4.03
N VAL A 80 8.15 -18.56 -5.05
CA VAL A 80 7.18 -18.57 -6.15
C VAL A 80 7.31 -19.84 -7.03
N ASP A 81 6.18 -20.53 -7.24
CA ASP A 81 6.15 -21.73 -8.05
C ASP A 81 5.63 -21.49 -9.47
N ILE A 82 4.69 -20.56 -9.62
CA ILE A 82 3.97 -20.32 -10.87
C ILE A 82 3.44 -18.89 -10.87
N ALA A 83 3.21 -18.31 -12.05
CA ALA A 83 2.66 -16.96 -12.16
C ALA A 83 1.21 -17.03 -12.63
N ALA A 84 0.40 -16.05 -12.21
CA ALA A 84 -0.98 -15.98 -12.63
C ALA A 84 -1.16 -15.16 -13.91
N ASN A 85 -1.51 -15.86 -15.00
CA ASN A 85 -1.89 -15.32 -16.28
C ASN A 85 -0.82 -14.47 -16.95
N THR A 86 0.44 -14.86 -16.77
CA THR A 86 1.61 -14.23 -17.37
C THR A 86 2.73 -15.24 -17.39
N VAL A 87 3.81 -14.92 -18.11
CA VAL A 87 5.00 -15.74 -18.11
C VAL A 87 6.11 -14.82 -17.67
N ILE A 88 6.81 -15.18 -16.59
CA ILE A 88 8.01 -14.47 -16.20
C ILE A 88 9.14 -15.17 -16.96
N TRP A 89 9.74 -14.47 -17.93
CA TRP A 89 10.83 -15.05 -18.71
C TRP A 89 12.16 -14.85 -17.99
N ASP A 90 12.92 -15.95 -17.83
CA ASP A 90 14.23 -15.93 -17.18
C ASP A 90 15.27 -15.78 -18.26
N TYR A 91 15.78 -14.56 -18.44
CA TYR A 91 16.77 -14.18 -19.43
C TYR A 91 18.17 -14.71 -19.13
N LYS A 92 18.47 -15.00 -17.86
CA LYS A 92 19.75 -15.60 -17.49
C LYS A 92 19.79 -17.09 -17.89
N ARG A 93 18.63 -17.73 -18.03
CA ARG A 93 18.54 -19.13 -18.41
C ARG A 93 17.92 -19.30 -19.81
N ASP A 94 17.41 -18.22 -20.46
CA ASP A 94 16.69 -18.28 -21.73
C ASP A 94 15.56 -19.31 -21.67
N ALA A 95 14.83 -19.27 -20.57
CA ALA A 95 13.76 -20.21 -20.32
C ALA A 95 12.72 -19.60 -19.43
N PRO A 96 11.51 -20.18 -19.41
CA PRO A 96 10.48 -19.66 -18.49
C PRO A 96 10.96 -19.80 -17.04
N ALA A 97 10.69 -18.80 -16.18
CA ALA A 97 11.09 -18.88 -14.79
C ALA A 97 10.36 -19.99 -14.04
N HIS A 98 9.18 -20.39 -14.53
CA HIS A 98 8.34 -21.41 -13.90
C HIS A 98 7.96 -22.47 -14.92
N ILE A 99 7.89 -23.71 -14.49
CA ILE A 99 7.58 -24.89 -15.31
C ILE A 99 6.20 -24.87 -15.94
N SER A 100 5.18 -24.60 -15.11
CA SER A 100 3.80 -24.58 -15.56
C SER A 100 3.23 -23.15 -15.65
N THR A 101 2.06 -23.03 -16.26
CA THR A 101 1.40 -21.76 -16.42
C THR A 101 -0.07 -21.81 -15.95
N ILE A 102 -0.67 -20.63 -15.78
CA ILE A 102 -2.09 -20.49 -15.42
C ILE A 102 -2.67 -19.51 -16.42
N GLY A 103 -3.55 -20.02 -17.28
CA GLY A 103 -4.21 -19.24 -18.33
C GLY A 103 -3.33 -18.64 -19.41
N VAL A 104 -2.25 -19.32 -19.80
CA VAL A 104 -1.31 -18.80 -20.80
C VAL A 104 -1.18 -19.68 -22.08
N CYS A 105 -0.91 -20.97 -21.90
CA CYS A 105 -0.65 -21.86 -23.01
C CYS A 105 -1.31 -23.23 -22.71
N SER A 106 -2.03 -23.82 -23.68
CA SER A 106 -2.70 -25.11 -23.46
C SER A 106 -1.76 -26.25 -23.08
N MET A 107 -0.51 -26.24 -23.59
CA MET A 107 0.46 -27.28 -23.27
C MET A 107 1.02 -27.20 -21.84
N THR A 108 1.20 -25.99 -21.29
CA THR A 108 1.80 -25.84 -19.97
C THR A 108 0.79 -25.46 -18.86
N ASP A 109 -0.47 -25.13 -19.22
CA ASP A 109 -1.47 -24.75 -18.25
C ASP A 109 -1.87 -25.88 -17.34
N ILE A 110 -1.84 -25.63 -16.04
CA ILE A 110 -2.39 -26.55 -15.05
C ILE A 110 -3.83 -26.15 -14.68
N ALA A 111 -4.22 -24.89 -15.01
CA ALA A 111 -5.48 -24.23 -14.74
C ALA A 111 -5.61 -23.02 -15.68
N LYS A 112 -6.85 -22.51 -15.87
CA LYS A 112 -7.11 -21.30 -16.64
C LYS A 112 -7.14 -20.08 -15.68
N LYS A 113 -7.63 -20.30 -14.43
CA LYS A 113 -7.70 -19.27 -13.40
C LYS A 113 -6.94 -19.73 -12.14
N PRO A 114 -6.23 -18.81 -11.46
CA PRO A 114 -5.47 -19.22 -10.26
C PRO A 114 -6.31 -19.70 -9.08
N THR A 115 -7.65 -19.59 -9.16
CA THR A 115 -8.56 -20.04 -8.11
C THR A 115 -8.87 -21.53 -8.18
N GLU A 116 -8.44 -22.24 -9.25
CA GLU A 116 -8.70 -23.68 -9.36
C GLU A 116 -7.98 -24.44 -8.23
N THR A 117 -8.58 -25.51 -7.71
CA THR A 117 -8.06 -26.23 -6.54
C THR A 117 -6.65 -26.81 -6.75
N ILE A 118 -6.27 -27.04 -8.02
CA ILE A 118 -4.95 -27.51 -8.40
C ILE A 118 -3.86 -26.49 -7.98
N CYS A 119 -4.17 -25.20 -7.97
CA CYS A 119 -3.24 -24.14 -7.64
C CYS A 119 -3.06 -23.90 -6.18
N ALA A 120 -4.04 -24.34 -5.33
CA ALA A 120 -4.02 -24.09 -3.89
C ALA A 120 -2.68 -24.39 -3.22
N PRO A 121 -2.00 -25.53 -3.49
CA PRO A 121 -0.69 -25.77 -2.83
C PRO A 121 0.49 -24.97 -3.34
N LEU A 122 0.34 -24.31 -4.49
CA LEU A 122 1.42 -23.58 -5.13
C LEU A 122 1.43 -22.13 -4.76
N THR A 123 2.63 -21.56 -4.62
CA THR A 123 2.75 -20.13 -4.36
C THR A 123 2.63 -19.45 -5.70
N VAL A 124 1.48 -18.80 -5.93
CA VAL A 124 1.17 -18.15 -7.18
C VAL A 124 1.61 -16.70 -7.15
N PHE A 125 2.25 -16.21 -8.21
CA PHE A 125 2.68 -14.82 -8.28
C PHE A 125 1.55 -14.02 -8.91
N PHE A 126 1.14 -12.93 -8.26
CA PHE A 126 0.10 -12.01 -8.67
C PHE A 126 0.71 -10.63 -8.86
N ASP A 127 0.23 -9.90 -9.87
CA ASP A 127 0.67 -8.58 -10.26
C ASP A 127 -0.49 -7.61 -10.09
N GLY A 128 -0.42 -6.83 -9.01
CA GLY A 128 -1.42 -5.83 -8.65
C GLY A 128 -1.66 -4.78 -9.71
N ARG A 129 -0.73 -4.67 -10.70
CA ARG A 129 -0.94 -3.76 -11.83
C ARG A 129 -2.00 -4.30 -12.82
N VAL A 130 -2.37 -5.58 -12.71
CA VAL A 130 -3.39 -6.18 -13.58
C VAL A 130 -4.69 -6.22 -12.79
N ASP A 131 -5.81 -5.84 -13.44
CA ASP A 131 -7.14 -5.83 -12.84
C ASP A 131 -7.52 -7.19 -12.27
N GLY A 132 -8.08 -7.16 -11.05
CA GLY A 132 -8.53 -8.34 -10.35
C GLY A 132 -7.46 -9.20 -9.68
N GLN A 133 -6.17 -8.90 -9.88
CA GLN A 133 -5.09 -9.72 -9.33
C GLN A 133 -4.89 -9.56 -7.82
N VAL A 134 -5.09 -8.35 -7.26
CA VAL A 134 -5.01 -8.18 -5.80
C VAL A 134 -6.12 -9.03 -5.12
N ASP A 135 -7.32 -9.08 -5.71
CA ASP A 135 -8.41 -9.90 -5.17
C ASP A 135 -8.13 -11.38 -5.28
N LEU A 136 -7.48 -11.81 -6.36
CA LEU A 136 -7.12 -13.21 -6.53
C LEU A 136 -6.09 -13.64 -5.47
N PHE A 137 -5.18 -12.73 -5.08
CA PHE A 137 -4.20 -12.96 -4.02
C PHE A 137 -4.93 -13.15 -2.68
N ARG A 138 -5.96 -12.32 -2.41
CA ARG A 138 -6.76 -12.39 -1.20
C ARG A 138 -7.48 -13.76 -1.11
N ASN A 139 -7.91 -14.30 -2.25
CA ASN A 139 -8.61 -15.59 -2.28
C ASN A 139 -7.70 -16.83 -2.42
N ALA A 140 -6.42 -16.63 -2.83
CA ALA A 140 -5.45 -17.71 -2.99
C ALA A 140 -4.92 -18.20 -1.66
N ARG A 141 -4.69 -19.50 -1.54
CA ARG A 141 -4.14 -20.07 -0.32
C ARG A 141 -2.65 -19.71 -0.18
N ASN A 142 -1.88 -19.77 -1.27
CA ASN A 142 -0.46 -19.45 -1.26
C ASN A 142 -0.16 -18.49 -2.37
N GLY A 143 0.62 -17.46 -2.08
CA GLY A 143 0.92 -16.47 -3.10
C GLY A 143 1.87 -15.36 -2.74
N VAL A 144 2.36 -14.68 -3.76
CA VAL A 144 3.22 -13.51 -3.64
C VAL A 144 2.59 -12.45 -4.53
N LEU A 145 2.38 -11.24 -3.99
CA LEU A 145 1.78 -10.17 -4.70
C LEU A 145 2.71 -8.97 -4.81
N ILE A 146 2.72 -8.31 -5.97
CA ILE A 146 3.43 -7.05 -6.13
C ILE A 146 2.43 -5.96 -6.47
N THR A 147 2.65 -4.75 -6.00
CA THR A 147 1.77 -3.63 -6.32
C THR A 147 2.60 -2.35 -6.49
N GLU A 148 2.01 -1.34 -7.12
CA GLU A 148 2.66 -0.04 -7.22
C GLU A 148 2.32 0.89 -6.05
N GLY A 149 1.26 0.58 -5.29
CA GLY A 149 0.81 1.37 -4.15
C GLY A 149 0.21 0.53 -3.04
N SER A 150 -0.50 1.19 -2.11
CA SER A 150 -1.07 0.51 -0.96
C SER A 150 -2.33 -0.30 -1.27
N VAL A 151 -2.46 -1.43 -0.59
CA VAL A 151 -3.60 -2.33 -0.68
C VAL A 151 -4.22 -2.24 0.70
N LYS A 152 -5.49 -1.84 0.81
CA LYS A 152 -6.13 -1.62 2.08
C LYS A 152 -6.03 -2.83 3.05
N GLY A 153 -5.50 -2.52 4.25
CA GLY A 153 -5.31 -3.50 5.31
C GLY A 153 -4.06 -4.35 5.26
N LEU A 154 -3.48 -4.56 4.06
CA LEU A 154 -2.28 -5.40 3.88
C LEU A 154 -0.99 -4.65 4.16
N GLN A 155 -0.24 -5.12 5.15
CA GLN A 155 1.03 -4.51 5.54
C GLN A 155 2.12 -4.77 4.49
N PRO A 156 2.64 -3.69 3.88
CA PRO A 156 3.57 -3.87 2.77
C PRO A 156 5.02 -4.11 3.17
N SER A 157 5.76 -4.61 2.18
CA SER A 157 7.20 -4.78 2.25
C SER A 157 7.74 -4.05 1.03
N VAL A 158 8.58 -3.02 1.22
CA VAL A 158 9.14 -2.29 0.08
C VAL A 158 10.27 -3.10 -0.53
N GLY A 159 10.11 -3.47 -1.78
CA GLY A 159 11.10 -4.28 -2.49
C GLY A 159 12.28 -3.50 -3.03
N PRO A 160 13.11 -4.17 -3.85
CA PRO A 160 14.28 -3.48 -4.44
C PRO A 160 13.90 -2.32 -5.33
N LYS A 161 14.83 -1.37 -5.47
CA LYS A 161 14.64 -0.23 -6.36
C LYS A 161 14.51 -0.68 -7.81
N GLN A 162 15.27 -1.72 -8.17
CA GLN A 162 15.38 -2.27 -9.52
C GLN A 162 14.40 -3.40 -9.85
N ALA A 163 14.12 -3.53 -11.13
CA ALA A 163 13.29 -4.58 -11.71
C ALA A 163 13.85 -4.95 -13.10
N SER A 164 13.42 -6.07 -13.65
CA SER A 164 13.86 -6.53 -14.97
C SER A 164 12.81 -6.13 -16.01
N LEU A 165 13.22 -5.36 -17.02
CA LEU A 165 12.31 -5.00 -18.10
C LEU A 165 12.93 -5.60 -19.38
N ASN A 166 12.32 -6.68 -19.89
CA ASN A 166 12.79 -7.39 -21.07
C ASN A 166 14.23 -7.88 -20.95
N GLY A 167 14.60 -8.30 -19.75
CA GLY A 167 15.94 -8.79 -19.49
C GLY A 167 16.95 -7.72 -19.09
N VAL A 168 16.54 -6.46 -19.04
CA VAL A 168 17.43 -5.39 -18.62
C VAL A 168 17.08 -5.01 -17.20
N THR A 169 17.98 -5.25 -16.25
CA THR A 169 17.75 -4.84 -14.89
C THR A 169 18.00 -3.34 -14.80
N LEU A 170 17.03 -2.60 -14.23
CA LEU A 170 17.13 -1.16 -14.18
C LEU A 170 16.28 -0.54 -13.07
N ILE A 171 16.65 0.68 -12.66
CA ILE A 171 15.88 1.45 -11.72
C ILE A 171 15.12 2.44 -12.60
N GLY A 172 13.82 2.27 -12.66
CA GLY A 172 12.98 3.02 -13.57
C GLY A 172 12.86 4.51 -13.33
N GLU A 173 12.89 5.25 -14.44
CA GLU A 173 12.72 6.69 -14.49
C GLU A 173 11.43 6.96 -15.28
N ALA A 174 11.20 6.24 -16.37
CA ALA A 174 9.97 6.39 -17.15
C ALA A 174 8.89 5.37 -16.73
N VAL A 175 9.26 4.33 -15.98
CA VAL A 175 8.39 3.27 -15.46
C VAL A 175 8.67 3.06 -13.97
N LYS A 176 7.70 2.48 -13.25
CA LYS A 176 7.91 2.17 -11.85
C LYS A 176 8.52 0.77 -11.74
N THR A 177 9.66 0.64 -11.04
CA THR A 177 10.34 -0.64 -10.80
C THR A 177 10.36 -1.06 -9.31
N GLN A 178 10.03 -0.13 -8.38
CA GLN A 178 10.01 -0.44 -6.96
C GLN A 178 8.61 -0.87 -6.55
N PHE A 179 8.45 -2.11 -6.13
CA PHE A 179 7.13 -2.62 -5.78
C PHE A 179 6.99 -2.87 -4.32
N ASN A 180 5.75 -2.90 -3.87
CA ASN A 180 5.39 -3.36 -2.56
C ASN A 180 5.24 -4.87 -2.77
N TYR A 181 5.70 -5.64 -1.80
CA TYR A 181 5.66 -7.09 -1.84
C TYR A 181 4.80 -7.60 -0.73
N TYR A 182 4.04 -8.65 -1.04
CA TYR A 182 3.15 -9.32 -0.07
C TYR A 182 3.26 -10.84 -0.26
N LYS A 183 3.12 -11.63 0.83
CA LYS A 183 3.20 -13.08 0.74
C LYS A 183 2.16 -13.74 1.64
N LYS A 184 1.62 -14.89 1.21
CA LYS A 184 0.63 -15.68 1.96
C LYS A 184 1.07 -17.13 1.95
N VAL A 185 1.03 -17.80 3.11
CA VAL A 185 1.33 -19.23 3.23
C VAL A 185 0.14 -19.86 3.93
N ASP A 186 -0.51 -20.84 3.30
CA ASP A 186 -1.67 -21.57 3.87
C ASP A 186 -2.81 -20.68 4.34
N GLY A 187 -3.12 -19.68 3.52
CA GLY A 187 -4.20 -18.73 3.73
C GLY A 187 -3.85 -17.56 4.60
N VAL A 188 -2.66 -17.56 5.19
CA VAL A 188 -2.27 -16.53 6.12
C VAL A 188 -1.23 -15.58 5.56
N VAL A 189 -1.52 -14.27 5.56
CA VAL A 189 -0.55 -13.26 5.13
C VAL A 189 0.64 -13.31 6.07
N GLN A 190 1.82 -13.48 5.52
CA GLN A 190 3.05 -13.55 6.28
C GLN A 190 3.77 -12.23 6.27
N GLN A 191 4.40 -11.91 7.38
CA GLN A 191 5.21 -10.73 7.51
C GLN A 191 6.57 -11.04 6.85
N LEU A 192 6.91 -10.29 5.79
CA LEU A 192 8.18 -10.47 5.14
C LEU A 192 9.27 -9.84 6.00
N PRO A 193 10.43 -10.48 6.09
CA PRO A 193 11.50 -9.97 6.98
C PRO A 193 12.10 -8.64 6.54
N GLU A 194 12.79 -7.97 7.49
CA GLU A 194 13.60 -6.79 7.17
C GLU A 194 14.80 -7.34 6.40
N THR A 195 15.09 -6.75 5.24
CA THR A 195 16.08 -7.31 4.36
C THR A 195 16.96 -6.29 3.69
N TYR A 196 18.17 -6.72 3.33
CA TYR A 196 19.07 -5.96 2.47
C TYR A 196 18.71 -6.40 1.05
N PHE A 197 19.16 -5.65 0.06
CA PHE A 197 18.96 -6.04 -1.33
C PHE A 197 20.26 -6.01 -2.08
N THR A 198 20.46 -7.02 -2.94
CA THR A 198 21.62 -7.03 -3.82
C THR A 198 21.35 -5.94 -4.90
N GLN A 199 22.44 -5.41 -5.48
CA GLN A 199 22.37 -4.29 -6.42
C GLN A 199 22.24 -4.68 -7.88
N SER A 200 22.44 -5.96 -8.22
CA SER A 200 22.28 -6.50 -9.57
C SER A 200 23.13 -5.80 -10.66
N ARG A 201 24.37 -5.44 -10.31
CA ARG A 201 25.27 -4.80 -11.27
C ARG A 201 26.12 -5.82 -12.06
N ASN A 202 26.65 -5.41 -13.22
CA ASN A 202 27.52 -6.24 -14.06
C ASN A 202 28.94 -5.85 -13.77
N LEU A 203 29.85 -6.79 -14.02
CA LEU A 203 31.27 -6.53 -13.84
C LEU A 203 31.80 -5.51 -14.87
N GLN A 204 31.37 -5.67 -16.13
CA GLN A 204 31.78 -4.84 -17.26
C GLN A 204 31.28 -3.39 -17.18
N GLU A 205 30.04 -3.19 -16.72
CA GLU A 205 29.47 -1.86 -16.60
C GLU A 205 29.09 -1.48 -15.17
N PHE A 206 29.97 -1.78 -14.21
CA PHE A 206 29.71 -1.48 -12.81
C PHE A 206 29.76 0.02 -12.54
N LYS A 207 28.78 0.54 -11.81
CA LYS A 207 28.73 1.94 -11.42
C LYS A 207 28.55 2.07 -9.92
N PRO A 208 29.35 2.92 -9.27
CA PRO A 208 29.20 3.12 -7.82
C PRO A 208 27.86 3.80 -7.49
N ARG A 209 27.24 3.41 -6.37
CA ARG A 209 25.95 3.98 -5.96
C ARG A 209 25.98 4.65 -4.57
N SER A 210 27.16 5.11 -4.15
CA SER A 210 27.39 5.79 -2.88
C SER A 210 28.79 6.41 -2.87
N GLN A 211 29.04 7.37 -1.97
CA GLN A 211 30.36 7.99 -1.85
C GLN A 211 31.42 6.98 -1.40
N MET A 212 31.04 6.00 -0.57
CA MET A 212 31.96 4.96 -0.14
C MET A 212 32.40 4.09 -1.33
N GLU A 213 31.47 3.79 -2.24
CA GLU A 213 31.76 3.00 -3.43
C GLU A 213 32.63 3.77 -4.41
N ILE A 214 32.42 5.10 -4.51
CA ILE A 214 33.22 6.00 -5.35
C ILE A 214 34.65 6.06 -4.79
N ASP A 215 34.79 6.10 -3.46
CA ASP A 215 36.08 6.12 -2.79
C ASP A 215 36.81 4.78 -2.92
N PHE A 216 36.07 3.66 -2.95
CA PHE A 216 36.68 2.34 -3.09
C PHE A 216 37.32 2.18 -4.48
N LEU A 217 36.61 2.62 -5.52
CA LEU A 217 37.09 2.51 -6.88
C LEU A 217 38.19 3.52 -7.22
N GLU A 218 38.17 4.71 -6.60
CA GLU A 218 39.18 5.73 -6.90
C GLU A 218 40.41 5.65 -5.99
N LEU A 219 40.24 5.56 -4.67
CA LEU A 219 41.34 5.51 -3.71
C LEU A 219 42.12 4.20 -3.77
N ALA A 220 43.38 4.23 -3.29
CA ALA A 220 44.21 3.04 -3.17
C ALA A 220 43.72 2.24 -1.94
N MET A 221 44.03 0.95 -1.91
CA MET A 221 43.59 0.07 -0.83
C MET A 221 43.85 0.58 0.59
N ASP A 222 45.10 0.96 0.89
CA ASP A 222 45.49 1.37 2.24
C ASP A 222 44.85 2.68 2.71
N GLU A 223 44.57 3.62 1.78
CA GLU A 223 43.94 4.88 2.18
C GLU A 223 42.42 4.75 2.30
N PHE A 224 41.78 3.81 1.56
CA PHE A 224 40.33 3.61 1.70
C PHE A 224 40.04 2.99 3.06
N ILE A 225 40.84 1.98 3.45
CA ILE A 225 40.71 1.29 4.73
C ILE A 225 40.95 2.29 5.87
N GLU A 226 41.90 3.21 5.71
CA GLU A 226 42.17 4.24 6.70
C GLU A 226 40.96 5.20 6.82
N ARG A 227 40.50 5.75 5.67
CA ARG A 227 39.38 6.70 5.61
C ARG A 227 38.08 6.18 6.22
N TYR A 228 37.79 4.89 6.02
CA TYR A 228 36.55 4.31 6.54
C TYR A 228 36.71 3.46 7.80
N LYS A 229 37.86 3.60 8.50
CA LYS A 229 38.16 2.92 9.76
C LYS A 229 37.94 1.39 9.66
N LEU A 230 38.43 0.79 8.57
CA LEU A 230 38.26 -0.63 8.31
C LEU A 230 39.46 -1.49 8.69
N GLU A 231 40.33 -0.97 9.59
CA GLU A 231 41.49 -1.73 10.05
C GLU A 231 41.03 -2.90 10.91
N GLY A 232 41.55 -4.08 10.61
CA GLY A 232 41.19 -5.30 11.32
C GLY A 232 39.94 -5.99 10.80
N TYR A 233 39.38 -5.51 9.67
CA TYR A 233 38.16 -6.07 9.06
C TYR A 233 38.41 -6.94 7.81
N ALA A 234 39.69 -7.22 7.50
CA ALA A 234 40.17 -8.08 6.42
C ALA A 234 39.63 -7.71 5.03
N PHE A 235 39.44 -6.41 4.76
CA PHE A 235 38.97 -5.96 3.44
C PHE A 235 40.01 -6.25 2.36
N GLU A 236 41.31 -6.24 2.71
CA GLU A 236 42.43 -6.58 1.84
C GLU A 236 42.23 -7.99 1.25
N HIS A 237 41.75 -8.93 2.07
CA HIS A 237 41.48 -10.30 1.66
C HIS A 237 40.06 -10.44 1.04
N ILE A 238 39.00 -10.13 1.81
CA ILE A 238 37.59 -10.26 1.47
C ILE A 238 37.13 -9.46 0.25
N VAL A 239 37.42 -8.16 0.20
CA VAL A 239 36.91 -7.31 -0.85
C VAL A 239 37.92 -7.11 -1.98
N TYR A 240 39.14 -6.69 -1.65
CA TYR A 240 40.19 -6.45 -2.63
C TYR A 240 40.68 -7.72 -3.32
N GLY A 241 40.80 -8.81 -2.56
CA GLY A 241 41.28 -10.07 -3.11
C GLY A 241 42.77 -10.24 -2.99
N ASP A 242 43.21 -11.46 -2.70
CA ASP A 242 44.62 -11.81 -2.56
C ASP A 242 45.04 -12.71 -3.74
N PHE A 243 45.94 -12.22 -4.59
CA PHE A 243 46.36 -12.98 -5.77
C PHE A 243 47.81 -13.46 -5.69
N SER A 244 48.40 -13.51 -4.49
CA SER A 244 49.80 -13.92 -4.33
C SER A 244 50.01 -15.43 -4.31
N HIS A 245 48.99 -16.21 -3.92
CA HIS A 245 49.11 -17.67 -3.87
C HIS A 245 48.33 -18.35 -5.00
N SER A 246 48.57 -19.67 -5.22
CA SER A 246 47.88 -20.41 -6.26
C SER A 246 46.36 -20.37 -6.06
N GLN A 247 45.91 -20.46 -4.80
CA GLN A 247 44.48 -20.29 -4.53
C GLN A 247 44.19 -18.82 -4.23
N LEU A 248 43.29 -18.23 -5.05
CA LEU A 248 42.85 -16.84 -4.98
C LEU A 248 42.15 -16.63 -3.65
N GLY A 249 42.61 -15.65 -2.90
CA GLY A 249 42.06 -15.34 -1.58
C GLY A 249 40.96 -14.32 -1.58
N GLY A 250 39.87 -14.65 -0.91
CA GLY A 250 38.74 -13.76 -0.77
C GLY A 250 38.08 -13.40 -2.09
N LEU A 251 37.88 -12.08 -2.32
CA LEU A 251 37.25 -11.53 -3.51
C LEU A 251 35.77 -11.97 -3.59
N HIS A 252 34.99 -11.60 -2.57
CA HIS A 252 33.61 -12.03 -2.47
C HIS A 252 32.57 -10.94 -2.71
N LEU A 253 32.98 -9.68 -2.93
CA LEU A 253 32.06 -8.57 -3.19
C LEU A 253 32.23 -8.13 -4.64
N LEU A 254 31.13 -7.98 -5.42
CA LEU A 254 31.22 -7.58 -6.82
C LEU A 254 32.04 -6.30 -7.07
N ILE A 255 31.97 -5.31 -6.15
CA ILE A 255 32.75 -4.08 -6.30
C ILE A 255 34.27 -4.36 -6.33
N GLY A 256 34.74 -5.33 -5.55
CA GLY A 256 36.16 -5.69 -5.53
C GLY A 256 36.59 -6.35 -6.82
N LEU A 257 35.69 -7.14 -7.42
CA LEU A 257 35.93 -7.77 -8.71
C LEU A 257 35.97 -6.69 -9.80
N ALA A 258 35.09 -5.67 -9.70
CA ALA A 258 35.03 -4.57 -10.66
C ALA A 258 36.31 -3.72 -10.61
N LYS A 259 36.86 -3.49 -9.40
CA LYS A 259 38.08 -2.69 -9.27
C LYS A 259 39.26 -3.42 -9.93
N ARG A 260 39.34 -4.75 -9.72
CA ARG A 260 40.38 -5.62 -10.27
C ARG A 260 40.25 -5.68 -11.79
N PHE A 261 39.02 -5.75 -12.30
CA PHE A 261 38.71 -5.84 -13.72
C PHE A 261 39.24 -4.68 -14.58
N LYS A 262 39.30 -3.47 -14.01
CA LYS A 262 39.82 -2.30 -14.73
C LYS A 262 41.32 -2.45 -14.98
N GLU A 263 42.05 -3.06 -14.04
CA GLU A 263 43.48 -3.25 -14.14
C GLU A 263 43.85 -4.53 -14.90
N SER A 264 43.48 -5.70 -14.37
CA SER A 264 43.80 -6.98 -14.98
C SER A 264 42.52 -7.74 -15.28
N PRO A 265 42.42 -8.35 -16.47
CA PRO A 265 41.26 -9.18 -16.77
C PRO A 265 41.34 -10.54 -16.04
N PHE A 266 40.20 -11.23 -15.98
CA PHE A 266 40.12 -12.55 -15.37
C PHE A 266 38.92 -13.32 -15.92
N GLU A 267 38.96 -14.64 -15.81
CA GLU A 267 37.86 -15.48 -16.30
C GLU A 267 36.94 -15.84 -15.15
N LEU A 268 35.63 -15.66 -15.35
CA LEU A 268 34.63 -16.06 -14.36
C LEU A 268 33.81 -17.15 -15.00
N GLU A 269 34.00 -18.39 -14.60
CA GLU A 269 33.22 -19.50 -15.12
C GLU A 269 31.97 -19.62 -14.23
N ASP A 270 30.83 -19.20 -14.78
CA ASP A 270 29.53 -19.24 -14.16
C ASP A 270 29.01 -20.69 -14.35
N PHE A 271 29.45 -21.62 -13.50
CA PHE A 271 29.14 -23.04 -13.67
C PHE A 271 27.68 -23.43 -13.31
N ILE A 272 26.91 -22.55 -12.65
CA ILE A 272 25.47 -22.75 -12.42
C ILE A 272 24.82 -21.48 -12.92
N PRO A 273 24.62 -21.35 -14.25
CA PRO A 273 24.09 -20.08 -14.79
C PRO A 273 22.60 -19.83 -14.55
N MET A 274 22.32 -19.15 -13.47
CA MET A 274 20.97 -18.79 -13.06
C MET A 274 21.01 -17.50 -12.24
N ASP A 275 19.86 -16.90 -12.01
CA ASP A 275 19.78 -15.70 -11.20
C ASP A 275 19.79 -16.15 -9.73
N SER A 276 20.71 -15.62 -8.93
CA SER A 276 20.71 -15.90 -7.48
C SER A 276 21.37 -14.79 -6.67
N THR A 277 20.91 -14.61 -5.43
CA THR A 277 21.43 -13.61 -4.49
C THR A 277 22.95 -13.73 -4.35
N VAL A 278 23.43 -14.98 -4.16
CA VAL A 278 24.86 -15.26 -4.14
C VAL A 278 25.24 -16.05 -5.41
N LYS A 279 26.26 -15.60 -6.14
CA LYS A 279 26.71 -16.30 -7.35
C LYS A 279 28.02 -17.02 -7.10
N ASN A 280 28.23 -18.19 -7.72
CA ASN A 280 29.46 -18.95 -7.56
C ASN A 280 30.19 -18.99 -8.88
N TYR A 281 31.48 -18.63 -8.86
CA TYR A 281 32.28 -18.63 -10.09
C TYR A 281 33.57 -19.34 -9.90
N PHE A 282 34.04 -20.01 -10.95
CA PHE A 282 35.35 -20.64 -10.97
C PHE A 282 36.18 -19.52 -11.58
N ILE A 283 36.97 -18.81 -10.76
CA ILE A 283 37.75 -17.66 -11.24
C ILE A 283 39.21 -18.01 -11.52
N THR A 284 39.77 -17.48 -12.61
CA THR A 284 41.18 -17.64 -12.96
C THR A 284 41.68 -16.23 -13.25
N ASP A 285 42.68 -15.74 -12.50
CA ASP A 285 43.22 -14.41 -12.72
C ASP A 285 44.26 -14.48 -13.82
N ALA A 286 44.04 -13.77 -14.94
CA ALA A 286 44.96 -13.84 -16.09
C ALA A 286 46.37 -13.31 -15.81
N GLN A 287 46.50 -12.24 -15.03
CA GLN A 287 47.82 -11.68 -14.73
C GLN A 287 48.69 -12.59 -13.86
N THR A 288 48.16 -13.10 -12.76
CA THR A 288 48.93 -13.90 -11.81
C THR A 288 48.83 -15.42 -11.96
N GLY A 289 47.69 -15.90 -12.42
CA GLY A 289 47.43 -17.34 -12.46
C GLY A 289 46.85 -17.83 -11.13
N SER A 290 46.44 -16.91 -10.26
CA SER A 290 45.79 -17.23 -8.99
C SER A 290 44.35 -17.65 -9.36
N SER A 291 43.85 -18.77 -8.78
CA SER A 291 42.52 -19.24 -9.14
C SER A 291 41.72 -19.86 -7.96
N LYS A 292 40.40 -19.99 -8.10
CA LYS A 292 39.56 -20.61 -7.08
C LYS A 292 38.37 -21.29 -7.76
N CYS A 293 38.18 -22.61 -7.53
CA CYS A 293 37.08 -23.40 -8.11
C CYS A 293 35.72 -22.84 -7.78
N VAL A 294 35.49 -22.48 -6.51
CA VAL A 294 34.22 -21.94 -6.08
C VAL A 294 34.48 -20.63 -5.35
N CYS A 295 34.29 -19.51 -6.03
CA CYS A 295 34.42 -18.20 -5.41
C CYS A 295 33.02 -17.59 -5.34
N SER A 296 32.45 -17.50 -4.15
CA SER A 296 31.11 -16.92 -3.96
C SER A 296 31.16 -15.39 -4.02
N VAL A 297 30.29 -14.80 -4.81
CA VAL A 297 30.26 -13.35 -5.01
C VAL A 297 28.86 -12.84 -4.74
N ILE A 298 28.78 -11.73 -4.04
CA ILE A 298 27.53 -11.06 -3.75
C ILE A 298 27.67 -9.60 -4.12
N ASP A 299 26.63 -9.02 -4.75
CA ASP A 299 26.66 -7.60 -5.08
C ASP A 299 25.88 -6.81 -4.05
N LEU A 300 26.51 -6.54 -2.91
CA LEU A 300 25.89 -5.70 -1.90
C LEU A 300 26.47 -4.32 -2.11
N LEU A 301 25.71 -3.27 -1.78
CA LEU A 301 26.23 -1.89 -1.75
C LEU A 301 27.35 -1.90 -0.68
N LEU A 302 28.56 -1.36 -0.98
CA LEU A 302 29.68 -1.45 -0.02
C LEU A 302 29.33 -0.98 1.39
N ASP A 303 28.45 0.02 1.50
CA ASP A 303 27.98 0.55 2.78
C ASP A 303 27.24 -0.52 3.56
N ASP A 304 26.41 -1.32 2.86
CA ASP A 304 25.64 -2.40 3.46
C ASP A 304 26.55 -3.52 3.95
N PHE A 305 27.59 -3.87 3.17
CA PHE A 305 28.55 -4.92 3.55
C PHE A 305 29.35 -4.46 4.76
N VAL A 306 29.78 -3.19 4.76
CA VAL A 306 30.53 -2.58 5.88
C VAL A 306 29.67 -2.62 7.15
N GLU A 307 28.38 -2.27 7.03
CA GLU A 307 27.44 -2.33 8.15
C GLU A 307 27.30 -3.76 8.68
N ILE A 308 27.12 -4.76 7.81
CA ILE A 308 27.02 -6.15 8.21
C ILE A 308 28.29 -6.62 8.94
N ILE A 309 29.48 -6.42 8.35
CA ILE A 309 30.73 -6.89 8.96
C ILE A 309 31.07 -6.15 10.26
N LYS A 310 30.67 -4.88 10.38
CA LYS A 310 30.90 -4.12 11.60
C LYS A 310 29.90 -4.41 12.71
N SER A 311 28.83 -5.15 12.42
CA SER A 311 27.83 -5.51 13.41
C SER A 311 28.05 -6.93 13.98
N GLN A 312 29.23 -7.52 13.76
CA GLN A 312 29.51 -8.85 14.23
C GLN A 312 30.44 -8.89 15.41
N ASP A 313 30.24 -9.89 16.26
CA ASP A 313 31.07 -10.14 17.42
C ASP A 313 32.34 -10.83 16.86
N LEU A 314 33.51 -10.23 17.09
CA LEU A 314 34.75 -10.77 16.53
C LEU A 314 35.59 -11.59 17.52
N SER A 315 34.96 -12.15 18.56
CA SER A 315 35.66 -12.91 19.60
C SER A 315 35.65 -14.44 19.44
N VAL A 316 35.07 -14.98 18.36
CA VAL A 316 35.00 -16.43 18.18
C VAL A 316 35.77 -16.86 16.93
N VAL A 317 36.51 -17.98 17.00
CA VAL A 317 37.28 -18.51 15.88
C VAL A 317 36.46 -18.64 14.59
N SER A 318 35.35 -19.40 14.63
CA SER A 318 34.51 -19.57 13.45
C SER A 318 33.05 -19.62 13.86
N LYS A 319 32.20 -19.03 13.03
CA LYS A 319 30.76 -19.03 13.29
C LYS A 319 29.94 -18.68 12.06
N VAL A 320 28.69 -19.12 12.05
CA VAL A 320 27.78 -18.81 10.97
C VAL A 320 27.08 -17.50 11.30
N VAL A 321 27.09 -16.57 10.35
CA VAL A 321 26.44 -15.28 10.49
C VAL A 321 25.31 -15.29 9.50
N LYS A 322 24.07 -15.18 9.97
CA LYS A 322 22.91 -15.20 9.09
C LYS A 322 22.46 -13.78 8.79
N VAL A 323 22.34 -13.41 7.51
CA VAL A 323 21.92 -12.06 7.10
C VAL A 323 20.74 -12.20 6.13
N THR A 324 19.66 -11.41 6.28
CA THR A 324 18.55 -11.47 5.34
C THR A 324 18.87 -10.53 4.16
N ILE A 325 18.99 -11.12 2.96
CA ILE A 325 19.29 -10.40 1.73
C ILE A 325 18.33 -10.96 0.66
N ASP A 326 17.64 -10.06 -0.07
CA ASP A 326 16.66 -10.41 -1.09
C ASP A 326 15.58 -11.35 -0.53
N TYR A 327 15.19 -11.11 0.74
CA TYR A 327 14.17 -11.84 1.52
C TYR A 327 14.62 -13.22 2.00
N THR A 328 15.82 -13.68 1.58
CA THR A 328 16.32 -15.00 1.97
C THR A 328 17.45 -14.90 2.99
N GLU A 329 17.60 -15.93 3.83
CA GLU A 329 18.70 -15.97 4.80
C GLU A 329 19.98 -16.42 4.12
N ILE A 330 20.97 -15.54 4.05
CA ILE A 330 22.26 -15.87 3.49
C ILE A 330 23.20 -16.17 4.63
N SER A 331 23.75 -17.39 4.66
CA SER A 331 24.67 -17.80 5.72
C SER A 331 26.08 -17.44 5.32
N PHE A 332 26.74 -16.68 6.17
CA PHE A 332 28.12 -16.28 5.93
C PHE A 332 28.98 -17.02 6.92
N MET A 333 30.23 -17.16 6.60
CA MET A 333 31.18 -17.81 7.47
C MET A 333 32.12 -16.75 7.96
N LEU A 334 32.14 -16.50 9.28
CA LEU A 334 33.00 -15.48 9.85
C LEU A 334 34.14 -16.15 10.60
N TRP A 335 35.37 -15.84 10.20
CA TRP A 335 36.55 -16.39 10.85
C TRP A 335 37.32 -15.27 11.50
N CYS A 336 37.60 -15.37 12.79
CA CYS A 336 38.31 -14.34 13.52
C CYS A 336 39.54 -14.88 14.24
N LYS A 337 40.46 -13.99 14.58
CA LYS A 337 41.67 -14.32 15.32
C LYS A 337 42.08 -13.09 16.09
N ASP A 338 42.28 -13.22 17.42
CA ASP A 338 42.71 -12.12 18.30
C ASP A 338 41.89 -10.84 18.15
N GLY A 339 40.57 -11.00 18.01
CA GLY A 339 39.63 -9.89 17.87
C GLY A 339 39.57 -9.21 16.52
N HIS A 340 40.29 -9.75 15.53
CA HIS A 340 40.26 -9.20 14.18
C HIS A 340 39.73 -10.21 13.18
N VAL A 341 39.10 -9.73 12.10
CA VAL A 341 38.56 -10.59 11.07
C VAL A 341 39.70 -11.22 10.27
N GLU A 342 39.56 -12.49 9.93
CA GLU A 342 40.49 -13.20 9.07
C GLU A 342 39.80 -13.33 7.70
N THR A 343 38.56 -13.83 7.69
CA THR A 343 37.73 -13.94 6.49
C THR A 343 36.22 -13.89 6.81
N PHE A 344 35.42 -13.53 5.82
CA PHE A 344 33.97 -13.43 5.92
C PHE A 344 33.47 -13.65 4.50
N TYR A 345 32.79 -14.76 4.26
CA TYR A 345 32.33 -15.11 2.93
C TYR A 345 30.97 -15.76 2.95
N PRO A 346 30.18 -15.60 1.86
CA PRO A 346 28.88 -16.29 1.81
C PRO A 346 29.13 -17.81 1.77
N LYS A 347 28.96 -18.47 2.94
CA LYS A 347 29.18 -19.89 3.23
C LYS A 347 28.69 -20.82 2.13
N LEU A 348 29.63 -21.59 1.59
CA LEU A 348 29.37 -22.53 0.50
C LEU A 348 28.62 -23.75 1.01
N GLN A 349 27.30 -23.81 0.72
CA GLN A 349 26.40 -24.88 1.15
C GLN A 349 26.60 -26.22 0.41
N ALA B 2 -25.72 43.13 0.13
CA ALA B 2 -26.12 43.98 1.25
C ALA B 2 -26.47 43.10 2.45
N MET B 3 -25.44 42.46 2.99
CA MET B 3 -25.56 41.57 4.13
C MET B 3 -25.84 42.29 5.47
N SER B 4 -26.71 41.71 6.30
CA SER B 4 -27.03 42.27 7.60
C SER B 4 -27.57 41.20 8.53
N LEU B 5 -27.52 41.46 9.84
CA LEU B 5 -28.02 40.54 10.85
C LEU B 5 -29.54 40.36 10.65
N GLU B 6 -30.25 41.47 10.44
CA GLU B 6 -31.68 41.55 10.22
C GLU B 6 -32.12 40.84 8.95
N ASN B 7 -31.29 40.92 7.90
CA ASN B 7 -31.55 40.24 6.65
C ASN B 7 -31.32 38.74 6.80
N VAL B 8 -30.24 38.32 7.48
CA VAL B 8 -29.97 36.90 7.72
C VAL B 8 -31.15 36.31 8.52
N ALA B 9 -31.61 37.04 9.55
CA ALA B 9 -32.75 36.68 10.39
C ALA B 9 -34.04 36.59 9.57
N PHE B 10 -34.28 37.55 8.66
CA PHE B 10 -35.42 37.53 7.76
C PHE B 10 -35.44 36.22 6.93
N ASN B 11 -34.29 35.87 6.35
CA ASN B 11 -34.17 34.66 5.57
C ASN B 11 -34.41 33.42 6.41
N VAL B 12 -33.88 33.34 7.62
CA VAL B 12 -34.07 32.18 8.48
C VAL B 12 -35.57 31.97 8.78
N VAL B 13 -36.24 33.04 9.20
CA VAL B 13 -37.66 33.07 9.53
C VAL B 13 -38.55 32.69 8.33
N ASN B 14 -38.25 33.24 7.14
CA ASN B 14 -39.09 33.03 5.98
C ASN B 14 -38.72 31.89 5.06
N LYS B 15 -37.45 31.49 5.04
CA LYS B 15 -36.94 30.45 4.14
C LYS B 15 -36.33 29.23 4.81
N GLY B 16 -36.24 29.24 6.15
CA GLY B 16 -35.64 28.13 6.88
C GLY B 16 -34.11 28.15 6.93
N HIS B 17 -33.50 29.06 6.18
CA HIS B 17 -32.06 29.22 6.03
C HIS B 17 -31.79 30.47 5.15
N PHE B 18 -30.53 30.87 4.98
CA PHE B 18 -30.19 31.99 4.12
C PHE B 18 -30.41 31.59 2.65
N ASP B 19 -31.25 32.36 1.95
CA ASP B 19 -31.65 32.10 0.59
C ASP B 19 -31.53 33.35 -0.32
N GLY B 20 -30.75 34.34 0.08
CA GLY B 20 -30.54 35.56 -0.68
C GLY B 20 -31.73 36.46 -0.85
N GLN B 21 -32.78 36.28 -0.04
CA GLN B 21 -33.98 37.11 -0.14
C GLN B 21 -33.79 38.45 0.52
N GLN B 22 -34.54 39.45 0.09
CA GLN B 22 -34.49 40.77 0.68
C GLN B 22 -35.53 40.90 1.77
N GLY B 23 -35.21 41.69 2.76
CA GLY B 23 -36.10 41.91 3.89
C GLY B 23 -35.36 41.92 5.20
N GLU B 24 -36.00 42.44 6.22
CA GLU B 24 -35.45 42.54 7.55
C GLU B 24 -36.50 42.19 8.56
N VAL B 25 -36.10 41.59 9.69
CA VAL B 25 -36.96 41.32 10.84
C VAL B 25 -36.25 41.90 12.08
N PRO B 26 -36.99 42.34 13.12
CA PRO B 26 -36.29 42.88 14.31
C PRO B 26 -35.55 41.76 15.02
N VAL B 27 -34.32 42.05 15.45
CA VAL B 27 -33.48 41.06 16.12
C VAL B 27 -32.95 41.62 17.41
N SER B 28 -32.81 40.75 18.41
CA SER B 28 -32.10 41.11 19.63
C SER B 28 -31.09 40.02 19.96
N ILE B 29 -29.93 40.45 20.39
CA ILE B 29 -28.87 39.55 20.77
C ILE B 29 -28.66 39.65 22.27
N ILE B 30 -28.74 38.51 22.98
CA ILE B 30 -28.54 38.45 24.44
C ILE B 30 -27.81 37.18 24.72
N ASN B 31 -26.91 37.10 25.73
N ASN B 31 -26.57 37.52 25.13
CA ASN B 31 -26.31 35.80 26.19
CA ASN B 31 -25.38 36.80 25.43
C ASN B 31 -26.16 34.62 25.14
C ASN B 31 -24.97 36.08 24.18
N ASN B 32 -25.36 34.84 24.04
CA ASN B 32 -25.03 33.97 22.92
C ASN B 32 -26.24 33.47 22.15
N THR B 33 -27.36 34.20 22.24
CA THR B 33 -28.59 33.81 21.60
C THR B 33 -29.11 34.94 20.73
N VAL B 34 -29.64 34.56 19.56
CA VAL B 34 -30.28 35.47 18.62
C VAL B 34 -31.80 35.27 18.71
N TYR B 35 -32.53 36.34 19.00
CA TYR B 35 -33.98 36.33 19.07
C TYR B 35 -34.56 37.21 17.98
N THR B 36 -35.82 36.98 17.64
CA THR B 36 -36.58 37.83 16.74
C THR B 36 -37.94 38.12 17.36
N LYS B 37 -38.49 39.30 17.12
CA LYS B 37 -39.79 39.66 17.65
C LYS B 37 -40.89 39.10 16.77
N VAL B 38 -41.84 38.36 17.37
CA VAL B 38 -42.99 37.80 16.68
C VAL B 38 -44.22 38.13 17.51
N ASP B 39 -45.06 39.08 17.04
CA ASP B 39 -46.27 39.53 17.73
C ASP B 39 -45.91 40.08 19.11
N GLY B 40 -44.83 40.85 19.18
CA GLY B 40 -44.41 41.43 20.46
C GLY B 40 -43.65 40.53 21.43
N VAL B 41 -43.39 39.25 21.07
CA VAL B 41 -42.58 38.38 21.97
C VAL B 41 -41.35 37.89 21.29
N ASP B 42 -40.27 37.77 22.04
CA ASP B 42 -38.99 37.31 21.52
C ASP B 42 -38.99 35.81 21.33
N VAL B 43 -38.62 35.37 20.15
CA VAL B 43 -38.56 33.97 19.80
C VAL B 43 -37.13 33.67 19.44
N GLU B 44 -36.54 32.67 20.10
CA GLU B 44 -35.17 32.25 19.84
C GLU B 44 -35.02 31.65 18.44
N LEU B 45 -34.04 32.15 17.67
CA LEU B 45 -33.70 31.69 16.35
C LEU B 45 -32.41 30.87 16.35
N PHE B 46 -31.48 31.18 17.26
CA PHE B 46 -30.19 30.51 17.24
C PHE B 46 -29.44 30.66 18.57
N GLU B 47 -28.84 29.56 19.05
CA GLU B 47 -27.99 29.62 20.23
C GLU B 47 -26.57 29.26 19.79
N ASN B 48 -25.66 30.19 19.99
CA ASN B 48 -24.29 30.02 19.62
C ASN B 48 -23.57 29.04 20.50
N LYS B 49 -23.13 27.91 19.91
CA LYS B 49 -22.32 26.87 20.59
C LYS B 49 -20.86 26.90 20.12
N THR B 50 -20.51 27.83 19.22
CA THR B 50 -19.22 28.02 18.59
C THR B 50 -18.32 28.96 19.43
N THR B 51 -17.06 29.04 19.05
CA THR B 51 -16.10 29.97 19.62
C THR B 51 -16.03 31.30 18.81
N LEU B 52 -16.96 31.50 17.84
CA LEU B 52 -17.05 32.70 17.02
C LEU B 52 -18.06 33.65 17.69
N PRO B 53 -18.04 34.97 17.37
CA PRO B 53 -19.09 35.86 17.89
C PRO B 53 -20.48 35.37 17.49
N VAL B 54 -21.50 35.59 18.34
CA VAL B 54 -22.87 35.12 18.16
C VAL B 54 -23.46 35.46 16.80
N ASN B 55 -23.26 36.71 16.31
CA ASN B 55 -23.85 37.14 15.03
C ASN B 55 -23.13 36.60 13.81
N VAL B 56 -21.84 36.35 13.95
CA VAL B 56 -21.03 35.77 12.92
C VAL B 56 -21.41 34.28 12.81
N ALA B 57 -21.50 33.57 13.94
CA ALA B 57 -21.87 32.15 13.94
C ALA B 57 -23.29 31.94 13.38
N PHE B 58 -24.21 32.85 13.70
CA PHE B 58 -25.60 32.84 13.21
C PHE B 58 -25.61 32.90 11.69
N GLU B 59 -24.83 33.83 11.12
CA GLU B 59 -24.74 33.99 9.69
C GLU B 59 -24.15 32.77 9.00
N LEU B 60 -23.09 32.16 9.56
CA LEU B 60 -22.49 30.98 8.93
C LEU B 60 -23.44 29.79 9.03
N TRP B 61 -24.18 29.67 10.13
CA TRP B 61 -25.16 28.60 10.27
C TRP B 61 -26.30 28.82 9.25
N ALA B 62 -26.79 30.06 9.11
CA ALA B 62 -27.81 30.37 8.12
C ALA B 62 -27.30 30.07 6.71
N LYS B 63 -26.00 30.30 6.44
CA LYS B 63 -25.40 30.06 5.14
C LYS B 63 -24.81 28.66 4.95
N ARG B 64 -25.18 27.71 5.81
CA ARG B 64 -24.73 26.34 5.70
C ARG B 64 -25.18 25.67 4.41
N ASN B 65 -24.43 24.69 3.98
CA ASN B 65 -24.75 23.92 2.79
C ASN B 65 -25.93 22.96 3.16
N ILE B 66 -27.04 23.10 2.46
CA ILE B 66 -28.21 22.27 2.70
C ILE B 66 -28.37 21.14 1.65
N LYS B 67 -27.31 20.83 0.91
CA LYS B 67 -27.31 19.73 -0.04
C LYS B 67 -26.55 18.59 0.63
N PRO B 68 -26.65 17.31 0.19
CA PRO B 68 -25.84 16.25 0.84
C PRO B 68 -24.37 16.59 0.64
N VAL B 69 -23.61 16.62 1.72
CA VAL B 69 -22.19 16.96 1.65
C VAL B 69 -21.37 15.89 2.33
N PRO B 70 -20.06 15.79 1.99
CA PRO B 70 -19.20 14.82 2.69
C PRO B 70 -19.26 14.99 4.22
N GLU B 71 -19.13 13.88 4.97
CA GLU B 71 -19.09 13.98 6.42
C GLU B 71 -17.78 14.65 6.82
N VAL B 72 -17.79 15.48 7.85
CA VAL B 72 -16.62 16.24 8.28
C VAL B 72 -15.38 15.34 8.50
N LYS B 73 -15.56 14.11 9.03
CA LYS B 73 -14.46 13.16 9.18
C LYS B 73 -13.73 12.90 7.85
N ILE B 74 -14.45 12.78 6.72
CA ILE B 74 -13.85 12.58 5.39
C ILE B 74 -13.03 13.81 5.00
N LEU B 75 -13.62 15.00 5.12
CA LEU B 75 -12.99 16.26 4.76
C LEU B 75 -11.73 16.49 5.57
N ASN B 76 -11.77 16.17 6.86
CA ASN B 76 -10.63 16.28 7.76
C ASN B 76 -9.57 15.30 7.33
N ASN B 77 -9.96 14.06 7.02
CA ASN B 77 -9.01 13.03 6.62
C ASN B 77 -8.29 13.37 5.34
N LEU B 78 -8.96 14.10 4.45
CA LEU B 78 -8.39 14.57 3.21
C LEU B 78 -7.61 15.88 3.33
N GLY B 79 -7.51 16.44 4.53
CA GLY B 79 -6.74 17.65 4.79
C GLY B 79 -7.40 18.95 4.39
N VAL B 80 -8.74 18.98 4.28
CA VAL B 80 -9.46 20.21 3.90
C VAL B 80 -9.34 21.31 4.97
N ASP B 81 -8.93 22.50 4.55
CA ASP B 81 -8.77 23.63 5.45
C ASP B 81 -9.94 24.61 5.39
N ILE B 82 -10.54 24.76 4.21
CA ILE B 82 -11.56 25.77 3.95
C ILE B 82 -12.41 25.31 2.76
N ALA B 83 -13.66 25.78 2.68
CA ALA B 83 -14.54 25.45 1.56
C ALA B 83 -14.67 26.65 0.64
N ALA B 84 -14.90 26.38 -0.65
CA ALA B 84 -15.10 27.45 -1.62
C ALA B 84 -16.56 27.82 -1.76
N ASN B 85 -16.90 29.02 -1.29
CA ASN B 85 -18.20 29.67 -1.44
C ASN B 85 -19.37 28.92 -0.85
N THR B 86 -19.13 28.24 0.27
CA THR B 86 -20.12 27.51 1.04
C THR B 86 -19.61 27.37 2.47
N VAL B 87 -20.49 26.93 3.37
CA VAL B 87 -20.14 26.67 4.73
C VAL B 87 -20.52 25.21 4.96
N ILE B 88 -19.54 24.39 5.34
CA ILE B 88 -19.85 23.03 5.75
C ILE B 88 -20.12 23.14 7.24
N TRP B 89 -21.39 22.91 7.65
CA TRP B 89 -21.74 22.99 9.06
C TRP B 89 -21.48 21.65 9.74
N ASP B 90 -20.74 21.68 10.86
CA ASP B 90 -20.41 20.50 11.64
C ASP B 90 -21.47 20.35 12.73
N TYR B 91 -22.43 19.46 12.51
CA TYR B 91 -23.54 19.18 13.39
C TYR B 91 -23.14 18.43 14.66
N LYS B 92 -22.04 17.70 14.63
CA LYS B 92 -21.54 17.02 15.81
C LYS B 92 -20.91 18.03 16.79
N ARG B 93 -20.45 19.19 16.30
CA ARG B 93 -19.84 20.22 17.12
C ARG B 93 -20.71 21.47 17.21
N ASP B 94 -21.83 21.56 16.44
CA ASP B 94 -22.69 22.75 16.34
C ASP B 94 -21.87 23.97 16.01
N ALA B 95 -20.96 23.82 15.06
CA ALA B 95 -20.06 24.88 14.67
C ALA B 95 -19.65 24.70 13.24
N PRO B 96 -19.12 25.76 12.61
CA PRO B 96 -18.62 25.61 11.24
C PRO B 96 -17.47 24.59 11.20
N ALA B 97 -17.41 23.75 10.15
CA ALA B 97 -16.35 22.76 10.05
C ALA B 97 -14.98 23.41 9.84
N HIS B 98 -14.95 24.63 9.24
CA HIS B 98 -13.74 25.38 8.93
C HIS B 98 -13.81 26.76 9.53
N ILE B 99 -12.69 27.22 10.07
CA ILE B 99 -12.56 28.50 10.77
C ILE B 99 -12.86 29.69 9.89
N SER B 100 -12.21 29.72 8.70
CA SER B 100 -12.35 30.79 7.71
C SER B 100 -13.29 30.42 6.55
N THR B 101 -13.75 31.44 5.81
CA THR B 101 -14.62 31.23 4.66
C THR B 101 -14.05 31.92 3.40
N ILE B 102 -14.60 31.55 2.23
CA ILE B 102 -14.25 32.17 0.95
C ILE B 102 -15.56 32.55 0.30
N GLY B 103 -15.79 33.85 0.17
CA GLY B 103 -17.01 34.41 -0.40
C GLY B 103 -18.32 34.12 0.32
N VAL B 104 -18.30 34.04 1.66
CA VAL B 104 -19.52 33.74 2.42
C VAL B 104 -19.94 34.86 3.42
N CYS B 105 -19.04 35.30 4.28
CA CYS B 105 -19.34 36.24 5.34
C CYS B 105 -18.18 37.22 5.48
N SER B 106 -18.45 38.52 5.58
CA SER B 106 -17.40 39.54 5.70
C SER B 106 -16.50 39.36 6.90
N MET B 107 -17.03 38.86 8.03
CA MET B 107 -16.24 38.64 9.24
C MET B 107 -15.27 37.46 9.16
N THR B 108 -15.63 36.39 8.45
CA THR B 108 -14.79 35.20 8.38
C THR B 108 -14.06 35.01 7.02
N ASP B 109 -14.40 35.83 6.00
CA ASP B 109 -13.79 35.70 4.69
C ASP B 109 -12.34 36.08 4.69
N ILE B 110 -11.51 35.20 4.13
CA ILE B 110 -10.09 35.50 3.89
C ILE B 110 -9.89 35.98 2.43
N ALA B 111 -10.89 35.70 1.56
CA ALA B 111 -10.95 35.97 0.14
C ALA B 111 -12.43 35.90 -0.30
N LYS B 112 -12.74 36.50 -1.46
CA LYS B 112 -14.07 36.42 -2.07
C LYS B 112 -14.09 35.24 -3.10
N LYS B 113 -12.93 34.98 -3.76
CA LYS B 113 -12.77 33.90 -4.73
C LYS B 113 -11.61 32.97 -4.31
N PRO B 114 -11.76 31.63 -4.49
CA PRO B 114 -10.68 30.73 -4.07
C PRO B 114 -9.36 30.86 -4.82
N THR B 115 -9.32 31.68 -5.89
CA THR B 115 -8.12 31.92 -6.68
C THR B 115 -7.18 32.97 -6.06
N GLU B 116 -7.62 33.70 -5.02
CA GLU B 116 -6.77 34.71 -4.38
C GLU B 116 -5.52 34.05 -3.75
N THR B 117 -4.36 34.73 -3.81
CA THR B 117 -3.07 34.17 -3.37
C THR B 117 -3.06 33.75 -1.88
N ILE B 118 -3.98 34.32 -1.08
CA ILE B 118 -4.14 33.97 0.34
C ILE B 118 -4.56 32.50 0.49
N CYS B 119 -5.30 31.96 -0.49
CA CYS B 119 -5.83 30.61 -0.48
C CYS B 119 -4.84 29.56 -0.92
N ALA B 120 -3.80 29.97 -1.70
CA ALA B 120 -2.76 29.13 -2.26
C ALA B 120 -2.22 28.11 -1.28
N PRO B 121 -1.78 28.45 -0.05
CA PRO B 121 -1.28 27.40 0.86
C PRO B 121 -2.32 26.47 1.52
N LEU B 122 -3.63 26.70 1.29
CA LEU B 122 -4.73 25.95 1.91
C LEU B 122 -5.39 24.95 0.97
N THR B 123 -5.85 23.83 1.49
CA THR B 123 -6.57 22.83 0.72
C THR B 123 -8.01 23.27 0.70
N VAL B 124 -8.46 23.75 -0.45
CA VAL B 124 -9.80 24.29 -0.63
C VAL B 124 -10.75 23.20 -1.09
N PHE B 125 -11.94 23.12 -0.51
CA PHE B 125 -12.93 22.13 -0.90
C PHE B 125 -13.79 22.73 -1.98
N PHE B 126 -13.93 22.01 -3.11
CA PHE B 126 -14.70 22.38 -4.27
C PHE B 126 -15.79 21.33 -4.49
N ASP B 127 -16.96 21.80 -4.91
CA ASP B 127 -18.18 21.02 -5.13
C ASP B 127 -18.52 21.10 -6.61
N GLY B 128 -18.20 20.04 -7.34
CA GLY B 128 -18.47 19.91 -8.76
C GLY B 128 -19.92 20.08 -9.15
N ARG B 129 -20.84 19.99 -8.17
CA ARG B 129 -22.27 20.23 -8.44
C ARG B 129 -22.56 21.74 -8.63
N VAL B 130 -21.62 22.63 -8.26
CA VAL B 130 -21.78 24.06 -8.45
C VAL B 130 -21.00 24.46 -9.71
N ASP B 131 -21.61 25.30 -10.55
CA ASP B 131 -21.02 25.78 -11.79
C ASP B 131 -19.66 26.45 -11.56
N GLY B 132 -18.69 26.10 -12.40
CA GLY B 132 -17.34 26.66 -12.35
C GLY B 132 -16.41 26.11 -11.28
N GLN B 133 -16.90 25.26 -10.36
CA GLN B 133 -16.07 24.74 -9.27
C GLN B 133 -15.05 23.69 -9.72
N VAL B 134 -15.37 22.84 -10.71
CA VAL B 134 -14.40 21.87 -11.24
C VAL B 134 -13.20 22.64 -11.86
N ASP B 135 -13.48 23.76 -12.58
CA ASP B 135 -12.43 24.57 -13.17
C ASP B 135 -11.59 25.28 -12.13
N LEU B 136 -12.21 25.72 -11.02
CA LEU B 136 -11.48 26.36 -9.93
C LEU B 136 -10.51 25.39 -9.27
N PHE B 137 -10.89 24.09 -9.19
CA PHE B 137 -10.05 23.02 -8.65
C PHE B 137 -8.83 22.82 -9.58
N ARG B 138 -9.05 22.87 -10.89
CA ARG B 138 -7.99 22.74 -11.89
C ARG B 138 -6.96 23.86 -11.75
N ASN B 139 -7.37 25.07 -11.39
CA ASN B 139 -6.44 26.18 -11.22
C ASN B 139 -5.84 26.30 -9.81
N ALA B 140 -6.48 25.72 -8.79
CA ALA B 140 -5.97 25.81 -7.42
C ALA B 140 -4.78 24.88 -7.18
N ARG B 141 -3.82 25.37 -6.37
CA ARG B 141 -2.60 24.65 -6.01
C ARG B 141 -2.96 23.48 -5.09
N ASN B 142 -3.75 23.73 -4.04
CA ASN B 142 -4.16 22.68 -3.11
C ASN B 142 -5.69 22.62 -3.05
N GLY B 143 -6.25 21.42 -3.15
CA GLY B 143 -7.70 21.27 -3.11
C GLY B 143 -8.25 19.86 -3.10
N VAL B 144 -9.52 19.74 -2.75
CA VAL B 144 -10.28 18.49 -2.75
C VAL B 144 -11.56 18.78 -3.50
N LEU B 145 -11.89 17.94 -4.49
CA LEU B 145 -13.07 18.12 -5.29
C LEU B 145 -14.00 16.94 -5.17
N ILE B 146 -15.30 17.20 -5.14
CA ILE B 146 -16.31 16.15 -5.20
C ILE B 146 -17.16 16.35 -6.43
N THR B 147 -17.56 15.25 -7.06
CA THR B 147 -18.43 15.30 -8.22
C THR B 147 -19.41 14.12 -8.17
N GLU B 148 -20.49 14.23 -8.91
CA GLU B 148 -21.45 13.14 -9.07
C GLU B 148 -21.14 12.27 -10.30
N GLY B 149 -20.39 12.82 -11.26
CA GLY B 149 -20.03 12.13 -12.50
C GLY B 149 -18.56 12.22 -12.82
N SER B 150 -18.19 11.94 -14.08
CA SER B 150 -16.77 11.92 -14.46
C SER B 150 -16.18 13.30 -14.78
N VAL B 151 -14.89 13.46 -14.54
CA VAL B 151 -14.17 14.68 -14.85
C VAL B 151 -13.13 14.26 -15.91
N LYS B 152 -13.17 14.87 -17.11
CA LYS B 152 -12.24 14.50 -18.18
C LYS B 152 -10.76 14.63 -17.74
N GLY B 153 -9.97 13.59 -17.94
CA GLY B 153 -8.55 13.63 -17.63
C GLY B 153 -8.22 13.23 -16.21
N LEU B 154 -9.13 13.48 -15.28
CA LEU B 154 -8.93 13.12 -13.89
C LEU B 154 -9.56 11.77 -13.59
N GLN B 155 -8.75 10.82 -13.06
CA GLN B 155 -9.28 9.53 -12.64
C GLN B 155 -9.85 9.67 -11.21
N PRO B 156 -11.02 9.08 -10.94
CA PRO B 156 -11.67 9.32 -9.65
C PRO B 156 -11.39 8.29 -8.55
N SER B 157 -11.82 8.64 -7.35
CA SER B 157 -11.76 7.79 -6.17
C SER B 157 -13.20 7.76 -5.67
N VAL B 158 -13.87 6.61 -5.74
CA VAL B 158 -15.26 6.51 -5.34
C VAL B 158 -15.34 6.60 -3.81
N GLY B 159 -16.04 7.61 -3.32
CA GLY B 159 -16.19 7.85 -1.89
C GLY B 159 -17.24 6.99 -1.24
N PRO B 160 -17.55 7.29 0.04
CA PRO B 160 -18.56 6.50 0.75
C PRO B 160 -19.94 6.60 0.11
N LYS B 161 -20.78 5.58 0.37
CA LYS B 161 -22.16 5.57 -0.11
C LYS B 161 -22.96 6.70 0.51
N GLN B 162 -22.66 7.01 1.79
CA GLN B 162 -23.37 7.98 2.61
C GLN B 162 -22.78 9.39 2.59
N ALA B 163 -23.65 10.37 2.87
CA ALA B 163 -23.32 11.78 2.99
C ALA B 163 -24.21 12.40 4.08
N SER B 164 -23.86 13.61 4.52
CA SER B 164 -24.62 14.32 5.55
C SER B 164 -25.56 15.32 4.87
N LEU B 165 -26.86 15.21 5.11
CA LEU B 165 -27.82 16.16 4.57
C LEU B 165 -28.48 16.82 5.78
N ASN B 166 -28.11 18.07 6.07
CA ASN B 166 -28.61 18.83 7.21
C ASN B 166 -28.38 18.13 8.53
N GLY B 167 -27.24 17.47 8.65
CA GLY B 167 -26.88 16.76 9.87
C GLY B 167 -27.37 15.34 9.95
N VAL B 168 -28.08 14.86 8.93
CA VAL B 168 -28.54 13.49 8.90
C VAL B 168 -27.66 12.71 7.96
N THR B 169 -26.89 11.76 8.48
CA THR B 169 -26.08 10.91 7.63
C THR B 169 -26.99 9.88 6.98
N LEU B 170 -26.92 9.75 5.65
CA LEU B 170 -27.82 8.86 4.93
C LEU B 170 -27.27 8.43 3.57
N ILE B 171 -27.77 7.31 3.07
CA ILE B 171 -27.46 6.85 1.74
C ILE B 171 -28.68 7.26 0.93
N GLY B 172 -28.46 8.21 0.02
CA GLY B 172 -29.52 8.82 -0.74
C GLY B 172 -30.27 7.95 -1.70
N GLU B 173 -31.59 8.11 -1.71
CA GLU B 173 -32.50 7.45 -2.65
C GLU B 173 -33.12 8.51 -3.56
N ALA B 174 -33.48 9.66 -3.00
CA ALA B 174 -34.03 10.78 -3.78
C ALA B 174 -32.93 11.78 -4.18
N VAL B 175 -31.73 11.73 -3.55
CA VAL B 175 -30.57 12.57 -3.80
C VAL B 175 -29.34 11.71 -3.96
N LYS B 176 -28.29 12.24 -4.63
CA LYS B 176 -27.06 11.48 -4.78
C LYS B 176 -26.16 11.82 -3.59
N THR B 177 -25.68 10.78 -2.86
CA THR B 177 -24.77 10.93 -1.72
C THR B 177 -23.37 10.33 -1.97
N GLN B 178 -23.21 9.50 -3.03
CA GLN B 178 -21.91 8.89 -3.34
C GLN B 178 -21.16 9.77 -4.33
N PHE B 179 -20.02 10.32 -3.91
CA PHE B 179 -19.27 11.23 -4.75
C PHE B 179 -17.97 10.64 -5.24
N ASN B 180 -17.47 11.21 -6.31
CA ASN B 180 -16.17 10.97 -6.85
C ASN B 180 -15.28 11.99 -6.12
N TYR B 181 -14.16 11.54 -5.59
CA TYR B 181 -13.25 12.40 -4.83
C TYR B 181 -11.95 12.59 -5.62
N TYR B 182 -11.43 13.82 -5.63
CA TYR B 182 -10.18 14.18 -6.30
C TYR B 182 -9.40 15.11 -5.35
N LYS B 183 -8.06 15.02 -5.35
CA LYS B 183 -7.23 15.84 -4.47
C LYS B 183 -5.98 16.35 -5.22
N LYS B 184 -5.51 17.56 -4.91
CA LYS B 184 -4.32 18.17 -5.49
C LYS B 184 -3.46 18.73 -4.36
N VAL B 185 -2.17 18.42 -4.39
CA VAL B 185 -1.19 18.93 -3.43
C VAL B 185 -0.13 19.65 -4.29
N ASP B 186 0.16 20.91 -3.98
CA ASP B 186 1.16 21.74 -4.68
C ASP B 186 1.06 21.67 -6.22
N GLY B 187 -0.17 21.71 -6.73
CA GLY B 187 -0.45 21.71 -8.15
C GLY B 187 -0.58 20.36 -8.80
N VAL B 188 -0.18 19.30 -8.09
CA VAL B 188 -0.19 17.95 -8.65
C VAL B 188 -1.40 17.15 -8.20
N VAL B 189 -2.15 16.60 -9.16
CA VAL B 189 -3.30 15.74 -8.91
C VAL B 189 -2.81 14.48 -8.25
N GLN B 190 -3.16 14.29 -6.99
CA GLN B 190 -2.79 13.13 -6.20
C GLN B 190 -3.51 11.85 -6.61
N GLN B 191 -2.93 10.72 -6.25
CA GLN B 191 -3.56 9.42 -6.49
C GLN B 191 -4.08 8.95 -5.13
N LEU B 192 -5.39 9.10 -4.87
CA LEU B 192 -5.97 8.73 -3.57
C LEU B 192 -5.88 7.25 -3.33
N PRO B 193 -5.60 6.81 -2.08
CA PRO B 193 -5.36 5.38 -1.86
C PRO B 193 -6.62 4.53 -1.75
N GLU B 194 -6.42 3.20 -1.90
CA GLU B 194 -7.41 2.15 -1.64
C GLU B 194 -7.83 2.33 -0.18
N THR B 195 -9.13 2.41 0.08
CA THR B 195 -9.60 2.69 1.41
C THR B 195 -10.85 1.95 1.77
N TYR B 196 -10.98 1.65 3.06
CA TYR B 196 -12.21 1.13 3.62
C TYR B 196 -13.00 2.37 4.03
N PHE B 197 -14.30 2.22 4.25
CA PHE B 197 -15.10 3.31 4.76
C PHE B 197 -15.84 2.89 6.00
N THR B 198 -15.91 3.81 6.98
CA THR B 198 -16.74 3.58 8.15
C THR B 198 -18.21 3.74 7.69
N GLN B 199 -19.13 3.09 8.40
CA GLN B 199 -20.53 3.04 8.02
C GLN B 199 -21.40 4.13 8.60
N SER B 200 -20.89 4.91 9.58
CA SER B 200 -21.58 6.05 10.20
C SER B 200 -22.96 5.72 10.78
N ARG B 201 -23.10 4.55 11.42
CA ARG B 201 -24.36 4.16 12.04
C ARG B 201 -24.47 4.63 13.49
N ASN B 202 -25.71 4.70 14.02
CA ASN B 202 -25.97 5.07 15.41
C ASN B 202 -26.16 3.79 16.19
N LEU B 203 -25.90 3.86 17.48
CA LEU B 203 -26.09 2.73 18.37
C LEU B 203 -27.60 2.40 18.52
N GLN B 204 -28.43 3.45 18.69
CA GLN B 204 -29.87 3.34 18.90
C GLN B 204 -30.62 2.80 17.68
N GLU B 205 -30.24 3.23 16.48
CA GLU B 205 -30.91 2.79 15.26
C GLU B 205 -29.98 2.05 14.29
N PHE B 206 -29.16 1.13 14.82
CA PHE B 206 -28.23 0.37 14.01
C PHE B 206 -28.95 -0.62 13.12
N LYS B 207 -28.57 -0.68 11.83
CA LYS B 207 -29.14 -1.63 10.88
C LYS B 207 -28.03 -2.42 10.21
N PRO B 208 -28.17 -3.75 10.13
CA PRO B 208 -27.14 -4.54 9.45
C PRO B 208 -27.11 -4.27 7.96
N ARG B 209 -25.92 -4.28 7.35
CA ARG B 209 -25.78 -3.99 5.92
C ARG B 209 -25.11 -5.14 5.13
N SER B 210 -25.23 -6.37 5.65
CA SER B 210 -24.71 -7.58 5.04
C SER B 210 -25.29 -8.81 5.75
N GLN B 211 -25.20 -10.00 5.12
CA GLN B 211 -25.70 -11.23 5.73
C GLN B 211 -24.87 -11.60 6.97
N MET B 212 -23.57 -11.29 6.97
CA MET B 212 -22.72 -11.53 8.12
C MET B 212 -23.17 -10.68 9.32
N GLU B 213 -23.55 -9.42 9.07
CA GLU B 213 -24.02 -8.52 10.10
C GLU B 213 -25.39 -8.95 10.63
N ILE B 214 -26.25 -9.50 9.76
CA ILE B 214 -27.57 -10.01 10.13
C ILE B 214 -27.37 -11.26 11.02
N ASP B 215 -26.39 -12.11 10.69
CA ASP B 215 -26.08 -13.30 11.46
C ASP B 215 -25.45 -12.94 12.82
N PHE B 216 -24.65 -11.86 12.88
CA PHE B 216 -24.03 -11.43 14.12
C PHE B 216 -25.09 -10.99 15.13
N LEU B 217 -26.07 -10.21 14.67
CA LEU B 217 -27.12 -9.70 15.54
C LEU B 217 -28.16 -10.75 15.92
N GLU B 218 -28.42 -11.73 15.04
CA GLU B 218 -29.42 -12.75 15.31
C GLU B 218 -28.87 -13.98 16.05
N LEU B 219 -27.77 -14.55 15.58
CA LEU B 219 -27.22 -15.75 16.20
C LEU B 219 -26.54 -15.48 17.56
N ALA B 220 -26.30 -16.56 18.32
CA ALA B 220 -25.59 -16.49 19.58
C ALA B 220 -24.10 -16.42 19.24
N MET B 221 -23.29 -15.85 20.15
CA MET B 221 -21.84 -15.72 19.96
C MET B 221 -21.14 -16.96 19.38
N ASP B 222 -21.38 -18.12 19.98
CA ASP B 222 -20.73 -19.35 19.55
C ASP B 222 -21.22 -19.87 18.20
N GLU B 223 -22.51 -19.67 17.85
CA GLU B 223 -23.00 -20.11 16.54
C GLU B 223 -22.30 -19.30 15.44
N PHE B 224 -22.24 -17.96 15.63
CA PHE B 224 -21.60 -17.04 14.68
C PHE B 224 -20.11 -17.35 14.45
N ILE B 225 -19.28 -17.35 15.50
CA ILE B 225 -17.84 -17.61 15.40
C ILE B 225 -17.56 -18.94 14.69
N GLU B 226 -18.44 -19.92 14.88
CA GLU B 226 -18.35 -21.22 14.22
C GLU B 226 -18.69 -21.09 12.73
N ARG B 227 -19.84 -20.49 12.40
CA ARG B 227 -20.33 -20.30 11.03
C ARG B 227 -19.36 -19.55 10.12
N TYR B 228 -18.66 -18.55 10.65
CA TYR B 228 -17.74 -17.74 9.85
C TYR B 228 -16.26 -18.07 10.05
N LYS B 229 -15.95 -19.25 10.66
CA LYS B 229 -14.59 -19.75 10.89
C LYS B 229 -13.69 -18.73 11.59
N LEU B 230 -14.23 -18.09 12.63
CA LEU B 230 -13.53 -17.05 13.36
C LEU B 230 -12.86 -17.54 14.66
N GLU B 231 -12.64 -18.84 14.78
CA GLU B 231 -11.96 -19.39 15.94
C GLU B 231 -10.49 -18.93 15.96
N GLY B 232 -10.05 -18.43 17.11
CA GLY B 232 -8.69 -17.94 17.25
C GLY B 232 -8.50 -16.49 16.86
N TYR B 233 -9.60 -15.78 16.50
CA TYR B 233 -9.57 -14.38 16.09
C TYR B 233 -10.04 -13.38 17.16
N ALA B 234 -10.26 -13.86 18.39
CA ALA B 234 -10.64 -13.10 19.59
C ALA B 234 -11.89 -12.22 19.41
N PHE B 235 -12.87 -12.66 18.61
CA PHE B 235 -14.11 -11.89 18.43
C PHE B 235 -14.90 -11.79 19.73
N GLU B 236 -14.82 -12.82 20.60
CA GLU B 236 -15.43 -12.85 21.94
C GLU B 236 -14.98 -11.64 22.75
N HIS B 237 -13.69 -11.28 22.65
CA HIS B 237 -13.13 -10.13 23.33
C HIS B 237 -13.33 -8.81 22.55
N ILE B 238 -12.80 -8.74 21.31
CA ILE B 238 -12.80 -7.58 20.41
C ILE B 238 -14.18 -7.06 20.00
N VAL B 239 -15.06 -7.94 19.51
CA VAL B 239 -16.33 -7.51 18.97
C VAL B 239 -17.47 -7.64 19.99
N TYR B 240 -17.63 -8.82 20.59
CA TYR B 240 -18.67 -9.09 21.56
C TYR B 240 -18.48 -8.32 22.88
N GLY B 241 -17.25 -8.22 23.33
CA GLY B 241 -16.95 -7.51 24.57
C GLY B 241 -16.95 -8.44 25.77
N ASP B 242 -16.03 -8.21 26.70
CA ASP B 242 -15.89 -8.98 27.92
C ASP B 242 -16.29 -8.11 29.12
N PHE B 243 -17.37 -8.47 29.82
CA PHE B 243 -17.86 -7.67 30.94
C PHE B 243 -17.69 -8.37 32.29
N SER B 244 -16.80 -9.38 32.38
CA SER B 244 -16.62 -10.12 33.60
C SER B 244 -15.67 -9.47 34.60
N HIS B 245 -14.77 -8.59 34.13
CA HIS B 245 -13.83 -7.90 35.04
C HIS B 245 -14.18 -6.42 35.20
N SER B 246 -13.56 -5.74 36.19
CA SER B 246 -13.80 -4.32 36.42
C SER B 246 -13.47 -3.49 35.16
N GLN B 247 -12.38 -3.84 34.46
CA GLN B 247 -12.09 -3.19 33.19
C GLN B 247 -12.73 -3.97 32.05
N LEU B 248 -13.63 -3.26 31.30
CA LEU B 248 -14.38 -3.76 30.17
C LEU B 248 -13.40 -4.18 29.09
N GLY B 249 -13.51 -5.41 28.65
CA GLY B 249 -12.60 -5.96 27.65
C GLY B 249 -13.08 -5.84 26.23
N GLY B 250 -12.21 -5.32 25.37
CA GLY B 250 -12.51 -5.18 23.95
C GLY B 250 -13.66 -4.24 23.68
N LEU B 251 -14.63 -4.71 22.87
CA LEU B 251 -15.82 -3.95 22.46
C LEU B 251 -15.40 -2.73 21.62
N HIS B 252 -14.74 -3.00 20.49
CA HIS B 252 -14.21 -1.94 19.64
C HIS B 252 -14.94 -1.75 18.33
N LEU B 253 -15.97 -2.55 18.03
CA LEU B 253 -16.73 -2.41 16.79
C LEU B 253 -18.14 -2.01 17.13
N LEU B 254 -18.67 -0.97 16.44
CA LEU B 254 -20.02 -0.49 16.72
C LEU B 254 -21.11 -1.59 16.68
N ILE B 255 -20.99 -2.59 15.80
CA ILE B 255 -21.98 -3.67 15.75
C ILE B 255 -22.03 -4.46 17.06
N GLY B 256 -20.90 -4.65 17.72
CA GLY B 256 -20.85 -5.36 19.00
C GLY B 256 -21.49 -4.55 20.11
N LEU B 257 -21.34 -3.23 20.07
CA LEU B 257 -21.97 -2.31 21.00
C LEU B 257 -23.50 -2.34 20.77
N ALA B 258 -23.94 -2.41 19.50
CA ALA B 258 -25.35 -2.44 19.15
C ALA B 258 -26.00 -3.73 19.64
N LYS B 259 -25.30 -4.87 19.54
CA LYS B 259 -25.85 -6.16 19.98
C LYS B 259 -26.07 -6.14 21.51
N ARG B 260 -25.09 -5.57 22.24
CA ARG B 260 -25.12 -5.42 23.69
C ARG B 260 -26.23 -4.48 24.12
N PHE B 261 -26.43 -3.39 23.38
CA PHE B 261 -27.42 -2.37 23.64
C PHE B 261 -28.87 -2.87 23.66
N LYS B 262 -29.20 -3.89 22.85
CA LYS B 262 -30.55 -4.44 22.84
C LYS B 262 -30.86 -5.16 24.15
N GLU B 263 -29.84 -5.81 24.76
CA GLU B 263 -30.00 -6.55 25.99
C GLU B 263 -29.84 -5.65 27.24
N SER B 264 -28.65 -5.06 27.42
CA SER B 264 -28.35 -4.24 28.58
C SER B 264 -27.94 -2.84 28.11
N PRO B 265 -28.46 -1.80 28.76
CA PRO B 265 -28.01 -0.45 28.42
C PRO B 265 -26.62 -0.16 29.01
N PHE B 266 -25.99 0.92 28.52
CA PHE B 266 -24.68 1.36 29.02
C PHE B 266 -24.47 2.84 28.70
N GLU B 267 -23.56 3.48 29.45
CA GLU B 267 -23.25 4.89 29.21
C GLU B 267 -22.03 5.04 28.35
N LEU B 268 -22.11 5.89 27.31
CA LEU B 268 -20.97 6.19 26.45
C LEU B 268 -20.68 7.65 26.64
N GLU B 269 -19.61 7.99 27.34
CA GLU B 269 -19.22 9.38 27.52
C GLU B 269 -18.30 9.76 26.35
N ASP B 270 -18.83 10.54 25.41
CA ASP B 270 -18.15 11.04 24.23
C ASP B 270 -17.32 12.26 24.70
N PHE B 271 -16.14 12.01 25.30
CA PHE B 271 -15.34 13.08 25.90
C PHE B 271 -14.63 14.01 24.89
N ILE B 272 -14.56 13.64 23.60
CA ILE B 272 -14.05 14.53 22.55
C ILE B 272 -15.13 14.53 21.48
N PRO B 273 -16.20 15.32 21.67
CA PRO B 273 -17.33 15.27 20.73
C PRO B 273 -17.07 15.94 19.37
N MET B 274 -16.63 15.14 18.44
CA MET B 274 -16.34 15.57 17.08
C MET B 274 -16.55 14.40 16.13
N ASP B 275 -16.59 14.67 14.84
CA ASP B 275 -16.70 13.63 13.84
C ASP B 275 -15.30 13.05 13.63
N SER B 276 -15.14 11.73 13.81
CA SER B 276 -13.88 11.07 13.52
C SER B 276 -14.06 9.60 13.15
N THR B 277 -13.18 9.08 12.29
CA THR B 277 -13.14 7.69 11.84
C THR B 277 -13.15 6.73 13.02
N VAL B 278 -12.30 7.00 14.03
CA VAL B 278 -12.32 6.25 15.27
C VAL B 278 -12.86 7.16 16.40
N LYS B 279 -13.83 6.68 17.17
CA LYS B 279 -14.38 7.44 18.29
C LYS B 279 -13.92 6.87 19.62
N ASN B 280 -13.69 7.73 20.63
CA ASN B 280 -13.26 7.27 21.94
C ASN B 280 -14.34 7.55 22.95
N TYR B 281 -14.72 6.54 23.72
CA TYR B 281 -15.78 6.71 24.73
C TYR B 281 -15.34 6.18 26.05
N PHE B 282 -15.80 6.84 27.12
CA PHE B 282 -15.60 6.36 28.48
C PHE B 282 -16.89 5.57 28.69
N ILE B 283 -16.81 4.23 28.63
CA ILE B 283 -18.00 3.38 28.73
C ILE B 283 -18.17 2.78 30.12
N THR B 284 -19.43 2.74 30.62
CA THR B 284 -19.78 2.13 31.88
C THR B 284 -20.95 1.21 31.58
N ASP B 285 -20.80 -0.11 31.81
CA ASP B 285 -21.89 -1.06 31.55
C ASP B 285 -22.83 -1.08 32.74
N ALA B 286 -24.11 -0.71 32.54
CA ALA B 286 -25.06 -0.62 33.64
C ALA B 286 -25.36 -1.96 34.34
N GLN B 287 -25.47 -3.05 33.59
CA GLN B 287 -25.76 -4.35 34.18
C GLN B 287 -24.63 -4.90 35.07
N THR B 288 -23.39 -4.88 34.59
CA THR B 288 -22.27 -5.46 35.33
C THR B 288 -21.42 -4.47 36.15
N GLY B 289 -21.32 -3.24 35.71
CA GLY B 289 -20.42 -2.27 36.33
C GLY B 289 -19.02 -2.37 35.73
N SER B 290 -18.87 -3.09 34.61
CA SER B 290 -17.61 -3.20 33.90
C SER B 290 -17.43 -1.88 33.17
N SER B 291 -16.23 -1.26 33.23
CA SER B 291 -16.03 0.04 32.58
C SER B 291 -14.63 0.22 31.94
N LYS B 292 -14.48 1.22 31.05
CA LYS B 292 -13.20 1.52 30.44
C LYS B 292 -13.14 3.02 30.12
N CYS B 293 -12.11 3.72 30.63
CA CYS B 293 -11.90 5.15 30.42
C CYS B 293 -11.82 5.54 28.97
N VAL B 294 -11.04 4.79 28.18
CA VAL B 294 -10.89 5.05 26.78
C VAL B 294 -11.17 3.78 26.01
N CYS B 295 -12.37 3.68 25.46
CA CYS B 295 -12.75 2.55 24.62
C CYS B 295 -12.88 3.06 23.20
N SER B 296 -11.95 2.70 22.33
CA SER B 296 -11.98 3.15 20.93
C SER B 296 -12.99 2.32 20.13
N VAL B 297 -13.85 2.97 19.39
CA VAL B 297 -14.90 2.32 18.63
C VAL B 297 -14.84 2.77 17.18
N ILE B 298 -14.96 1.80 16.29
CA ILE B 298 -14.99 2.07 14.88
C ILE B 298 -16.21 1.37 14.30
N ASP B 299 -16.91 2.04 13.37
CA ASP B 299 -18.04 1.41 12.71
C ASP B 299 -17.62 0.90 11.36
N LEU B 300 -17.01 -0.27 11.32
CA LEU B 300 -16.65 -0.91 10.07
C LEU B 300 -17.74 -1.91 9.79
N LEU B 301 -18.03 -2.19 8.51
CA LEU B 301 -18.93 -3.28 8.12
C LEU B 301 -18.25 -4.58 8.64
N LEU B 302 -18.96 -5.47 9.34
CA LEU B 302 -18.32 -6.65 9.95
C LEU B 302 -17.48 -7.46 8.95
N ASP B 303 -17.89 -7.52 7.69
CA ASP B 303 -17.18 -8.21 6.62
C ASP B 303 -15.81 -7.58 6.41
N ASP B 304 -15.74 -6.23 6.45
CA ASP B 304 -14.51 -5.47 6.27
C ASP B 304 -13.55 -5.71 7.44
N PHE B 305 -14.07 -5.74 8.68
CA PHE B 305 -13.27 -5.98 9.86
C PHE B 305 -12.72 -7.40 9.85
N VAL B 306 -13.55 -8.38 9.45
CA VAL B 306 -13.16 -9.79 9.32
C VAL B 306 -12.04 -9.90 8.29
N GLU B 307 -12.17 -9.23 7.14
CA GLU B 307 -11.15 -9.20 6.10
C GLU B 307 -9.82 -8.61 6.63
N ILE B 308 -9.87 -7.47 7.35
CA ILE B 308 -8.68 -6.85 7.91
C ILE B 308 -7.99 -7.79 8.91
N ILE B 309 -8.73 -8.34 9.89
CA ILE B 309 -8.12 -9.20 10.92
C ILE B 309 -7.62 -10.53 10.35
N LYS B 310 -8.25 -11.03 9.29
CA LYS B 310 -7.80 -12.27 8.65
C LYS B 310 -6.62 -12.08 7.69
N SER B 311 -6.26 -10.82 7.40
CA SER B 311 -5.13 -10.51 6.52
C SER B 311 -3.86 -10.13 7.29
N GLN B 312 -3.80 -10.46 8.57
CA GLN B 312 -2.65 -10.14 9.40
C GLN B 312 -1.81 -11.35 9.73
N ASP B 313 -0.52 -11.12 9.88
CA ASP B 313 0.43 -12.12 10.31
C ASP B 313 0.23 -12.26 11.85
N LEU B 314 -0.11 -13.46 12.33
CA LEU B 314 -0.39 -13.64 13.74
C LEU B 314 0.77 -14.25 14.56
N SER B 315 2.01 -14.09 14.07
CA SER B 315 3.18 -14.68 14.71
C SER B 315 3.98 -13.76 15.65
N VAL B 316 3.56 -12.50 15.84
CA VAL B 316 4.32 -11.58 16.70
C VAL B 316 3.51 -11.15 17.91
N VAL B 317 4.15 -11.04 19.10
CA VAL B 317 3.48 -10.64 20.32
C VAL B 317 2.67 -9.33 20.17
N SER B 318 3.31 -8.23 19.76
CA SER B 318 2.61 -6.97 19.58
C SER B 318 3.16 -6.23 18.37
N LYS B 319 2.28 -5.57 17.62
CA LYS B 319 2.69 -4.80 16.47
C LYS B 319 1.61 -3.81 16.02
N VAL B 320 2.04 -2.77 15.31
CA VAL B 320 1.14 -1.78 14.77
C VAL B 320 0.69 -2.25 13.40
N VAL B 321 -0.62 -2.25 13.16
CA VAL B 321 -1.22 -2.62 11.89
C VAL B 321 -1.83 -1.37 11.36
N LYS B 322 -1.38 -0.86 10.21
CA LYS B 322 -1.96 0.35 9.63
C LYS B 322 -3.02 0.02 8.58
N VAL B 323 -4.22 0.64 8.65
CA VAL B 323 -5.33 0.39 7.72
C VAL B 323 -5.87 1.70 7.19
N THR B 324 -5.97 1.86 5.86
CA THR B 324 -6.54 3.08 5.28
C THR B 324 -8.05 2.98 5.45
N ILE B 325 -8.62 3.88 6.25
CA ILE B 325 -10.07 3.94 6.51
C ILE B 325 -10.46 5.40 6.38
N ASP B 326 -11.46 5.72 5.52
CA ASP B 326 -11.93 7.07 5.26
C ASP B 326 -10.79 7.95 4.76
N TYR B 327 -9.92 7.38 3.91
CA TYR B 327 -8.75 7.99 3.27
C TYR B 327 -7.58 8.24 4.21
N THR B 328 -7.76 8.07 5.53
CA THR B 328 -6.69 8.28 6.49
C THR B 328 -6.11 6.97 6.97
N GLU B 329 -4.87 7.02 7.47
CA GLU B 329 -4.19 5.85 8.00
C GLU B 329 -4.53 5.64 9.47
N ILE B 330 -5.28 4.56 9.79
CA ILE B 330 -5.63 4.20 11.16
C ILE B 330 -4.66 3.13 11.67
N SER B 331 -4.00 3.41 12.80
CA SER B 331 -3.09 2.43 13.40
C SER B 331 -3.87 1.60 14.40
N PHE B 332 -3.75 0.29 14.28
CA PHE B 332 -4.38 -0.67 15.17
C PHE B 332 -3.26 -1.36 15.92
N MET B 333 -3.60 -1.90 17.07
CA MET B 333 -2.64 -2.61 17.88
C MET B 333 -3.05 -4.06 17.84
N LEU B 334 -2.18 -4.92 17.30
CA LEU B 334 -2.48 -6.34 17.20
C LEU B 334 -1.65 -7.10 18.20
N TRP B 335 -2.31 -7.83 19.10
CA TRP B 335 -1.63 -8.63 20.10
C TRP B 335 -1.91 -10.08 19.84
N CYS B 336 -0.87 -10.89 19.71
CA CYS B 336 -1.04 -12.32 19.44
C CYS B 336 -0.30 -13.19 20.46
N LYS B 337 -0.71 -14.46 20.54
CA LYS B 337 -0.07 -15.43 21.41
C LYS B 337 -0.28 -16.79 20.78
N ASP B 338 0.80 -17.57 20.58
CA ASP B 338 0.77 -18.92 20.01
C ASP B 338 -0.04 -19.02 18.70
N GLY B 339 0.12 -18.00 17.84
CA GLY B 339 -0.53 -17.94 16.54
C GLY B 339 -2.00 -17.55 16.54
N HIS B 340 -2.53 -17.18 17.70
CA HIS B 340 -3.93 -16.75 17.80
C HIS B 340 -4.02 -15.31 18.28
N VAL B 341 -5.07 -14.60 17.87
CA VAL B 341 -5.27 -13.22 18.27
C VAL B 341 -5.65 -13.17 19.76
N GLU B 342 -5.12 -12.18 20.47
CA GLU B 342 -5.47 -11.92 21.84
C GLU B 342 -6.36 -10.67 21.84
N THR B 343 -5.91 -9.60 21.17
CA THR B 343 -6.67 -8.36 20.98
C THR B 343 -6.25 -7.62 19.70
N PHE B 344 -7.12 -6.76 19.20
CA PHE B 344 -6.92 -5.95 18.03
C PHE B 344 -7.81 -4.75 18.22
N TYR B 345 -7.22 -3.57 18.40
CA TYR B 345 -7.98 -2.37 18.65
C TYR B 345 -7.39 -1.16 17.98
N PRO B 346 -8.22 -0.15 17.62
CA PRO B 346 -7.66 1.08 17.04
C PRO B 346 -6.79 1.79 18.07
N LYS B 347 -5.46 1.70 17.89
CA LYS B 347 -4.39 2.22 18.76
C LYS B 347 -4.63 3.64 19.28
N LEU B 348 -4.58 3.74 20.62
CA LEU B 348 -4.79 4.97 21.39
C LEU B 348 -3.43 5.68 21.43
N GLN B 349 -3.26 6.70 20.57
CA GLN B 349 -1.98 7.39 20.40
C GLN B 349 -2.18 8.88 20.13
C10 WL7 C . 2.71 -28.13 -11.69
C15 WL7 C . 4.33 -29.50 -10.58
C01 WL7 C . -0.44 -30.22 -11.45
C03 WL7 C . 0.85 -30.74 -9.34
C04 WL7 C . 0.53 -29.38 -8.70
C09 WL7 C . 3.18 -29.39 -11.34
C11 WL7 C . 3.41 -26.99 -11.34
C12 WL7 C . 4.58 -27.09 -10.64
C14 WL7 C . 5.03 -28.35 -10.24
N02 WL7 C . 0.75 -30.72 -10.79
N13 WL7 C . 5.31 -25.89 -10.28
O05 WL7 C . -0.36 -29.57 -7.65
O07 WL7 C . 2.82 -32.14 -11.69
O08 WL7 C . 1.73 -30.83 -13.17
S06 WL7 C . 2.15 -30.83 -11.76
#